data_5BY3
#
_entry.id   5BY3
#
_cell.length_a   67.770
_cell.length_b   102.300
_cell.length_c   122.400
_cell.angle_alpha   90.00
_cell.angle_beta   90.00
_cell.angle_gamma   90.00
#
_symmetry.space_group_name_H-M   'P 21 21 21'
#
loop_
_entity.id
_entity.type
_entity.pdbx_description
1 polymer BtGH115A
2 non-polymer 'SULFATE ION'
3 non-polymer 'NICKEL (II) ION'
4 water water
#
_entity_poly.entity_id   1
_entity_poly.type   'polypeptide(L)'
_entity_poly.pdbx_seq_one_letter_code
;(MSE)AHHHHHHSAALEVLFQKDFVLQSGQPVAIACSGSEAPVVRTSLDLLSRDLQTVLSATAHIDTNTGNIIVGTIGQS
KLIEQAGIDISALKNKKQAF(MSE)LAVSEDGKLVVAGSDSHGTAYGILEISRLLGVSPWEWWADVTPEKKETFRLSGKF
RELQSPSVEYRGIFINDEDWGL(MSE)PWSNKTYEPSDVKGEIGPRTNERIFELLLRLRANTYWPA(MSE)HECTLPFFL
TKGNREAAKKYGIF(MSE)GASHCEP(MSE)ACNAAGEWKIRGKGAYDYVNNSPAVYQFWEDRVKEVAGQEILYTLG
(MSE)RGVHDGK(MSE)QGAKTVEEQKAVLDRVFVDQRGLLEKYVNKDVTQVPQVFIPYKEVLDIYHAGLQVPEDVTL
(MSE)WCDDNYGYIRHFPTAEERARKGGNGVYYHVSYWGRPHDHLWLST(MSE)SPSLIYQQ(MSE)KQAYDQGIQK
(MSE)WILNVGDIKPAEYQIELF(MSE)D(MSE)AWNLDKVSSEGVTAHLKHWLERELGTSCAKTILSV(MSE)QEHYRL
AHIRKPEF(MSE)GNTREEEKNPVYRVVKDLPWSEREINERLNAYSELSETVEKAASKVPAGRQSAYFELVKYPVQAATQ
(MSE)NRKLLYAQLARHDKEDWEKSDAAYDSIAALTQHYNSLENGKWNR(MSE)(MSE)DFKPRKLPVFNRVERKAATAP
(MSE)TADRKAVCQWNAAEAKKGNAIVCEGLGYESKAAEIKKGDALTFSFGNLKTDSVEVDIRLLPNHPVHGDKLRFTVS
LDGAEPEVIAYETKGRSEEWKENVLRNQAIRKIVLPVTGKKSHQLVIKALDEGVILDQV(MSE)LYEVNRNSSGI
;
_entity_poly.pdbx_strand_id   A
#
# COMPACT_ATOMS: atom_id res chain seq x y z
N ASP A 19 -33.28 0.17 -24.04
CA ASP A 19 -32.45 1.24 -23.34
C ASP A 19 -32.87 1.65 -21.93
N PHE A 20 -31.91 1.76 -20.99
CA PHE A 20 -32.15 2.16 -19.58
C PHE A 20 -31.81 3.65 -19.38
N VAL A 21 -32.75 4.40 -18.79
CA VAL A 21 -32.67 5.87 -18.72
C VAL A 21 -33.15 6.29 -17.32
N LEU A 22 -32.37 7.11 -16.65
CA LEU A 22 -32.77 7.72 -15.38
C LEU A 22 -32.70 9.24 -15.52
N GLN A 23 -33.84 9.93 -15.49
CA GLN A 23 -33.88 11.41 -15.65
C GLN A 23 -33.60 12.04 -14.28
N SER A 24 -32.75 13.07 -14.20
CA SER A 24 -32.50 13.72 -12.89
C SER A 24 -33.75 14.40 -12.33
N GLY A 25 -33.77 14.65 -11.02
CA GLY A 25 -34.92 15.28 -10.38
C GLY A 25 -36.04 14.30 -10.06
N GLN A 26 -35.98 13.10 -10.65
CA GLN A 26 -37.05 12.09 -10.56
C GLN A 26 -36.68 10.90 -9.67
N PRO A 27 -37.67 10.34 -8.92
CA PRO A 27 -37.34 9.20 -8.07
C PRO A 27 -37.10 7.94 -8.90
N VAL A 28 -36.59 6.91 -8.25
CA VAL A 28 -36.31 5.65 -8.93
C VAL A 28 -36.61 4.48 -8.01
N ALA A 29 -37.32 3.47 -8.55
CA ALA A 29 -37.71 2.28 -7.77
C ALA A 29 -36.68 1.15 -7.89
N ILE A 30 -36.32 0.59 -6.75
CA ILE A 30 -35.32 -0.43 -6.69
C ILE A 30 -35.89 -1.71 -6.06
N ALA A 31 -35.83 -2.82 -6.80
CA ALA A 31 -36.35 -4.12 -6.39
C ALA A 31 -35.26 -4.98 -5.74
N CYS A 32 -35.47 -5.36 -4.48
CA CYS A 32 -34.49 -6.14 -3.71
C CYS A 32 -35.23 -6.89 -2.63
N SER A 33 -35.08 -8.22 -2.64
CA SER A 33 -35.70 -9.09 -1.67
C SER A 33 -35.17 -8.77 -0.27
N GLY A 34 -36.03 -8.89 0.73
CA GLY A 34 -35.68 -8.60 2.13
C GLY A 34 -34.81 -9.67 2.76
N SER A 35 -34.60 -10.76 2.01
CA SER A 35 -33.87 -11.93 2.47
C SER A 35 -32.35 -11.77 2.30
N GLU A 36 -31.94 -10.68 1.66
CA GLU A 36 -30.55 -10.51 1.25
C GLU A 36 -29.64 -10.07 2.38
N ALA A 37 -28.37 -10.49 2.31
CA ALA A 37 -27.41 -10.24 3.39
C ALA A 37 -27.25 -8.73 3.72
N PRO A 38 -26.91 -8.40 4.97
CA PRO A 38 -26.76 -6.98 5.38
C PRO A 38 -25.93 -6.11 4.41
N VAL A 39 -24.86 -6.70 3.90
CA VAL A 39 -23.92 -6.02 3.02
C VAL A 39 -24.65 -5.56 1.78
N VAL A 40 -25.67 -6.32 1.34
CA VAL A 40 -26.44 -5.92 0.18
C VAL A 40 -27.26 -4.66 0.51
N ARG A 41 -27.92 -4.68 1.67
CA ARG A 41 -28.76 -3.55 2.07
C ARG A 41 -27.93 -2.30 2.36
N THR A 42 -26.76 -2.48 2.95
CA THR A 42 -25.83 -1.38 3.24
C THR A 42 -25.39 -0.64 1.97
N SER A 43 -25.13 -1.39 0.90
CA SER A 43 -24.65 -0.88 -0.40
C SER A 43 -25.75 -0.19 -1.17
N LEU A 44 -26.96 -0.73 -1.03
CA LEU A 44 -28.13 -0.06 -1.49
C LEU A 44 -28.25 1.35 -0.90
N ASP A 45 -28.12 1.47 0.42
CA ASP A 45 -28.12 2.78 1.08
C ASP A 45 -27.07 3.73 0.45
N LEU A 46 -25.87 3.20 0.24
CA LEU A 46 -24.78 3.95 -0.35
C LEU A 46 -25.11 4.39 -1.75
N LEU A 47 -25.78 3.55 -2.53
CA LEU A 47 -26.16 3.94 -3.90
C LEU A 47 -27.22 5.05 -3.90
N SER A 48 -28.15 4.93 -2.97
CA SER A 48 -29.27 5.84 -2.87
C SER A 48 -28.72 7.19 -2.55
N ARG A 49 -27.80 7.20 -1.59
CA ARG A 49 -27.04 8.40 -1.27
C ARG A 49 -26.42 9.06 -2.52
N ASP A 50 -25.90 8.23 -3.43
CA ASP A 50 -25.24 8.68 -4.66
C ASP A 50 -26.24 9.04 -5.72
N LEU A 51 -27.32 8.28 -5.84
CA LEU A 51 -28.46 8.64 -6.70
C LEU A 51 -29.05 10.05 -6.39
N GLN A 52 -29.24 10.36 -5.11
CA GLN A 52 -29.55 11.69 -4.64
C GLN A 52 -28.49 12.73 -5.02
N THR A 53 -27.21 12.45 -4.72
CA THR A 53 -26.15 13.44 -4.94
C THR A 53 -26.03 13.74 -6.44
N VAL A 54 -25.95 12.70 -7.26
CA VAL A 54 -25.54 12.88 -8.64
C VAL A 54 -26.75 13.29 -9.43
N LEU A 55 -27.90 12.70 -9.11
CA LEU A 55 -29.10 12.84 -9.94
C LEU A 55 -30.31 13.51 -9.27
N SER A 56 -30.23 13.87 -8.00
CA SER A 56 -31.40 14.46 -7.30
C SER A 56 -32.60 13.49 -7.36
N ALA A 57 -32.28 12.20 -7.27
CA ALA A 57 -33.20 11.11 -7.50
C ALA A 57 -33.36 10.29 -6.24
N THR A 58 -34.58 10.26 -5.69
CA THR A 58 -34.85 9.54 -4.44
C THR A 58 -35.18 8.08 -4.75
N ALA A 59 -34.37 7.18 -4.19
CA ALA A 59 -34.53 5.75 -4.38
C ALA A 59 -35.61 5.19 -3.47
N HIS A 60 -36.51 4.39 -4.05
CA HIS A 60 -37.63 3.76 -3.35
C HIS A 60 -37.43 2.25 -3.42
N ILE A 61 -37.16 1.62 -2.28
CA ILE A 61 -36.98 0.17 -2.24
C ILE A 61 -38.32 -0.56 -2.13
N ASP A 62 -38.79 -1.12 -3.25
CA ASP A 62 -39.89 -2.10 -3.24
C ASP A 62 -39.29 -3.52 -3.14
N THR A 63 -40.14 -4.53 -2.98
CA THR A 63 -39.68 -5.92 -2.89
C THR A 63 -39.93 -6.67 -4.21
N ASN A 64 -40.78 -6.10 -5.06
CA ASN A 64 -41.21 -6.72 -6.32
C ASN A 64 -40.89 -5.85 -7.53
N THR A 65 -41.51 -4.66 -7.59
CA THR A 65 -41.42 -3.79 -8.79
C THR A 65 -40.26 -2.77 -8.71
N GLY A 66 -39.46 -2.74 -9.78
CA GLY A 66 -38.41 -1.74 -9.94
C GLY A 66 -37.96 -1.52 -11.36
N ASN A 67 -37.39 -0.34 -11.62
CA ASN A 67 -36.57 -0.11 -12.81
C ASN A 67 -35.10 -0.54 -12.70
N ILE A 68 -34.60 -0.66 -11.45
CA ILE A 68 -33.32 -1.30 -11.13
C ILE A 68 -33.68 -2.51 -10.27
N ILE A 69 -33.35 -3.71 -10.76
CA ILE A 69 -33.59 -4.96 -10.04
C ILE A 69 -32.23 -5.48 -9.53
N VAL A 70 -32.16 -5.91 -8.26
CA VAL A 70 -30.92 -6.44 -7.70
C VAL A 70 -31.12 -7.73 -6.92
N GLY A 71 -30.21 -8.69 -7.12
CA GLY A 71 -30.20 -9.89 -6.29
C GLY A 71 -29.07 -10.88 -6.52
N THR A 72 -28.93 -11.75 -5.53
CA THR A 72 -28.02 -12.90 -5.56
C THR A 72 -28.70 -14.12 -6.21
N ILE A 73 -27.99 -14.71 -7.18
CA ILE A 73 -28.16 -16.12 -7.65
C ILE A 73 -28.85 -17.02 -6.62
N GLY A 74 -29.97 -17.61 -7.06
CA GLY A 74 -30.75 -18.60 -6.30
C GLY A 74 -31.08 -18.26 -4.86
N GLN A 75 -31.41 -16.99 -4.63
CA GLN A 75 -31.76 -16.50 -3.31
CA GLN A 75 -31.70 -16.44 -3.30
C GLN A 75 -32.82 -15.40 -3.47
N SER A 76 -33.06 -15.04 -4.72
CA SER A 76 -33.98 -13.99 -5.14
C SER A 76 -34.84 -14.53 -6.29
N LYS A 77 -36.16 -14.42 -6.15
CA LYS A 77 -37.08 -14.81 -7.23
C LYS A 77 -37.05 -13.76 -8.35
N LEU A 78 -36.55 -12.58 -8.00
CA LEU A 78 -36.53 -11.38 -8.84
C LEU A 78 -35.51 -11.50 -9.98
N ILE A 79 -34.37 -12.14 -9.67
CA ILE A 79 -33.28 -12.38 -10.62
C ILE A 79 -33.73 -13.29 -11.77
N GLU A 80 -34.50 -14.33 -11.43
CA GLU A 80 -35.09 -15.23 -12.42
C GLU A 80 -36.09 -14.51 -13.30
N GLN A 81 -37.02 -13.78 -12.66
CA GLN A 81 -38.23 -13.25 -13.31
C GLN A 81 -38.04 -12.14 -14.36
N ALA A 82 -36.91 -11.43 -14.29
CA ALA A 82 -36.46 -10.62 -15.42
C ALA A 82 -35.51 -11.51 -16.20
N GLY A 83 -35.83 -11.71 -17.48
CA GLY A 83 -35.25 -12.77 -18.31
C GLY A 83 -33.82 -12.56 -18.76
N ILE A 84 -32.90 -12.61 -17.79
CA ILE A 84 -31.50 -12.39 -18.05
C ILE A 84 -30.75 -13.71 -17.94
N ASP A 85 -29.89 -13.98 -18.91
CA ASP A 85 -29.00 -15.14 -18.88
C ASP A 85 -27.84 -14.89 -17.90
N ILE A 86 -28.13 -15.11 -16.62
CA ILE A 86 -27.10 -15.34 -15.62
C ILE A 86 -26.83 -16.81 -15.74
N SER A 87 -25.56 -17.19 -15.73
CA SER A 87 -25.14 -18.58 -15.93
C SER A 87 -23.66 -18.55 -15.66
N ALA A 88 -23.01 -17.57 -16.30
CA ALA A 88 -21.59 -17.27 -16.11
C ALA A 88 -21.27 -17.01 -14.64
N LEU A 89 -22.30 -16.76 -13.84
CA LEU A 89 -22.19 -16.46 -12.43
C LEU A 89 -22.27 -17.66 -11.52
N LYS A 90 -22.89 -18.75 -11.99
CA LYS A 90 -23.11 -19.96 -11.20
C LYS A 90 -21.81 -20.51 -10.57
N ASN A 91 -21.90 -20.88 -9.28
CA ASN A 91 -20.76 -21.33 -8.45
CA ASN A 91 -20.76 -21.31 -8.44
C ASN A 91 -19.45 -20.55 -8.74
N LYS A 92 -19.39 -19.31 -8.24
CA LYS A 92 -18.30 -18.35 -8.56
C LYS A 92 -18.11 -17.30 -7.45
N LYS A 93 -16.90 -16.75 -7.33
CA LYS A 93 -16.55 -15.96 -6.13
C LYS A 93 -16.69 -14.43 -6.29
N GLN A 94 -17.50 -13.81 -5.44
CA GLN A 94 -17.60 -12.33 -5.26
C GLN A 94 -17.86 -11.58 -6.59
N ALA A 95 -18.75 -12.14 -7.41
CA ALA A 95 -18.90 -11.73 -8.80
C ALA A 95 -20.25 -11.15 -9.10
N PHE A 96 -20.32 -10.34 -10.15
CA PHE A 96 -21.57 -9.72 -10.58
C PHE A 96 -21.63 -9.57 -12.09
N LEU A 98 -23.88 -7.08 -14.70
CA LEU A 98 -24.78 -5.97 -14.96
C LEU A 98 -25.31 -6.11 -16.36
N ALA A 99 -26.62 -5.97 -16.51
CA ALA A 99 -27.27 -6.14 -17.81
C ALA A 99 -28.57 -5.34 -17.82
N VAL A 100 -28.99 -4.92 -19.01
CA VAL A 100 -30.28 -4.26 -19.23
C VAL A 100 -31.28 -5.24 -19.89
N SER A 101 -32.33 -5.64 -19.15
CA SER A 101 -33.41 -6.52 -19.68
C SER A 101 -34.10 -5.86 -20.87
N GLU A 102 -34.75 -6.67 -21.72
CA GLU A 102 -35.38 -6.13 -22.95
C GLU A 102 -36.40 -4.99 -22.71
N ASP A 103 -36.98 -4.97 -21.50
CA ASP A 103 -37.89 -3.93 -21.02
C ASP A 103 -37.18 -2.59 -20.64
N GLY A 104 -35.86 -2.62 -20.52
CA GLY A 104 -35.07 -1.41 -20.24
C GLY A 104 -34.84 -1.17 -18.76
N LYS A 105 -34.72 -2.26 -18.01
CA LYS A 105 -34.43 -2.24 -16.58
C LYS A 105 -32.98 -2.64 -16.36
N LEU A 106 -32.36 -2.06 -15.34
CA LEU A 106 -30.99 -2.38 -15.01
C LEU A 106 -31.01 -3.53 -14.03
N VAL A 107 -30.38 -4.64 -14.41
CA VAL A 107 -30.33 -5.86 -13.58
C VAL A 107 -28.93 -6.00 -13.02
N VAL A 108 -28.87 -6.21 -11.70
CA VAL A 108 -27.65 -6.44 -10.98
C VAL A 108 -27.77 -7.81 -10.31
N ALA A 109 -26.98 -8.74 -10.83
CA ALA A 109 -27.01 -10.14 -10.45
C ALA A 109 -25.67 -10.55 -9.88
N GLY A 110 -25.61 -10.75 -8.55
CA GLY A 110 -24.37 -11.21 -7.90
C GLY A 110 -24.33 -12.72 -7.67
N SER A 111 -23.16 -13.31 -7.83
CA SER A 111 -22.94 -14.74 -7.60
C SER A 111 -23.07 -15.17 -6.13
N ASP A 112 -22.70 -14.26 -5.23
CA ASP A 112 -22.89 -14.39 -3.76
C ASP A 112 -23.28 -13.00 -3.23
N SER A 113 -23.35 -12.81 -1.91
CA SER A 113 -23.80 -11.56 -1.29
C SER A 113 -22.83 -10.40 -1.55
N HIS A 114 -21.53 -10.66 -1.41
CA HIS A 114 -20.53 -9.64 -1.70
C HIS A 114 -20.57 -9.22 -3.15
N GLY A 115 -20.73 -10.21 -4.03
CA GLY A 115 -20.91 -9.95 -5.45
C GLY A 115 -22.07 -9.03 -5.76
N THR A 116 -23.19 -9.26 -5.12
CA THR A 116 -24.34 -8.41 -5.29
C THR A 116 -23.99 -6.97 -4.84
N ALA A 117 -23.37 -6.83 -3.66
CA ALA A 117 -22.94 -5.53 -3.14
C ALA A 117 -22.05 -4.78 -4.14
N TYR A 118 -21.09 -5.50 -4.73
CA TYR A 118 -20.09 -4.88 -5.60
C TYR A 118 -20.71 -4.43 -6.91
N GLY A 119 -21.70 -5.22 -7.38
CA GLY A 119 -22.55 -4.85 -8.55
C GLY A 119 -23.29 -3.52 -8.42
N ILE A 120 -23.95 -3.35 -7.27
CA ILE A 120 -24.63 -2.11 -6.85
C ILE A 120 -23.69 -0.89 -6.83
N LEU A 121 -22.52 -1.09 -6.22
CA LEU A 121 -21.49 -0.06 -6.12
C LEU A 121 -20.78 0.21 -7.43
N GLU A 122 -20.97 -0.65 -8.42
CA GLU A 122 -20.44 -0.41 -9.76
C GLU A 122 -21.26 0.67 -10.44
N ILE A 123 -22.54 0.69 -10.09
CA ILE A 123 -23.51 1.62 -10.66
C ILE A 123 -23.15 2.98 -10.11
N SER A 124 -22.70 2.97 -8.85
CA SER A 124 -22.26 4.18 -8.19
C SER A 124 -20.96 4.76 -8.85
N ARG A 125 -20.01 3.89 -9.21
CA ARG A 125 -18.84 4.29 -10.04
C ARG A 125 -19.22 4.86 -11.41
N LEU A 126 -20.20 4.23 -12.07
CA LEU A 126 -20.75 4.66 -13.37
C LEU A 126 -21.38 6.06 -13.31
N LEU A 127 -21.96 6.38 -12.16
CA LEU A 127 -22.53 7.67 -11.96
C LEU A 127 -21.42 8.72 -11.71
N GLY A 128 -20.17 8.26 -11.70
CA GLY A 128 -19.06 9.17 -11.57
C GLY A 128 -18.75 9.51 -10.12
N VAL A 129 -19.10 8.62 -9.19
CA VAL A 129 -18.79 8.81 -7.76
C VAL A 129 -17.47 8.14 -7.39
N SER A 130 -16.47 8.96 -7.00
CA SER A 130 -15.17 8.48 -6.55
C SER A 130 -15.28 7.74 -5.19
N PRO A 131 -14.46 6.68 -4.98
CA PRO A 131 -14.21 6.16 -3.63
C PRO A 131 -13.92 7.21 -2.55
N TRP A 132 -13.33 8.34 -2.96
CA TRP A 132 -12.92 9.38 -2.02
C TRP A 132 -13.88 10.59 -1.95
N GLU A 133 -15.06 10.41 -2.56
CA GLU A 133 -16.24 11.26 -2.39
C GLU A 133 -16.28 11.94 -1.02
N TRP A 134 -16.24 11.13 0.03
CA TRP A 134 -16.20 11.63 1.38
C TRP A 134 -14.77 11.77 1.89
N TRP A 135 -13.92 10.76 1.60
CA TRP A 135 -12.63 10.60 2.27
C TRP A 135 -11.53 11.55 1.76
N ALA A 136 -11.72 12.09 0.57
CA ALA A 136 -10.90 13.21 0.14
C ALA A 136 -11.74 14.33 -0.44
N ASP A 137 -13.03 14.34 -0.12
CA ASP A 137 -13.95 15.44 -0.50
C ASP A 137 -14.03 15.61 -1.98
N VAL A 138 -13.98 14.49 -2.72
CA VAL A 138 -14.06 14.54 -4.17
C VAL A 138 -15.55 14.64 -4.57
N THR A 139 -16.11 15.85 -4.42
CA THR A 139 -17.55 16.05 -4.63
C THR A 139 -18.05 15.53 -5.98
N PRO A 140 -18.99 14.56 -5.96
CA PRO A 140 -19.46 14.07 -7.31
C PRO A 140 -20.14 15.18 -8.07
N GLU A 141 -20.04 15.10 -9.37
CA GLU A 141 -20.65 16.08 -10.23
C GLU A 141 -22.12 15.69 -10.32
N LYS A 142 -22.98 16.67 -10.60
CA LYS A 142 -24.38 16.36 -10.83
C LYS A 142 -24.55 16.01 -12.29
N LYS A 143 -25.53 15.16 -12.57
CA LYS A 143 -25.84 14.83 -13.94
C LYS A 143 -27.27 15.13 -14.29
N GLU A 144 -27.48 15.52 -15.53
CA GLU A 144 -28.81 15.74 -16.06
C GLU A 144 -29.55 14.45 -16.33
N THR A 145 -28.92 13.50 -17.02
CA THR A 145 -29.45 12.15 -17.22
C THR A 145 -28.33 11.12 -17.10
N PHE A 146 -28.73 9.91 -16.72
CA PHE A 146 -27.87 8.74 -16.76
C PHE A 146 -28.52 7.70 -17.67
N ARG A 147 -27.77 7.27 -18.69
CA ARG A 147 -28.26 6.47 -19.82
C ARG A 147 -27.28 5.36 -20.16
N LEU A 148 -27.69 4.13 -19.89
CA LEU A 148 -26.99 2.92 -20.33
C LEU A 148 -27.73 2.17 -21.46
N SER A 149 -26.96 1.67 -22.43
CA SER A 149 -27.49 0.97 -23.59
C SER A 149 -28.27 -0.29 -23.25
N GLY A 150 -29.25 -0.63 -24.10
CA GLY A 150 -29.93 -1.92 -24.04
C GLY A 150 -28.95 -3.06 -24.28
N LYS A 151 -27.83 -2.76 -24.93
CA LYS A 151 -26.77 -3.73 -25.19
C LYS A 151 -25.65 -3.77 -24.15
N PHE A 152 -25.63 -2.83 -23.21
CA PHE A 152 -24.58 -2.74 -22.17
C PHE A 152 -24.61 -3.97 -21.25
N ARG A 153 -23.45 -4.60 -20.98
CA ARG A 153 -23.43 -5.96 -20.40
C ARG A 153 -22.36 -6.40 -19.34
N GLU A 154 -21.35 -5.58 -19.03
CA GLU A 154 -20.38 -5.84 -17.93
C GLU A 154 -20.49 -7.10 -17.01
N LEU A 155 -19.38 -7.81 -16.86
CA LEU A 155 -19.24 -8.90 -15.86
C LEU A 155 -17.94 -8.71 -15.05
N GLN A 156 -18.00 -8.85 -13.73
CA GLN A 156 -16.75 -8.66 -12.95
C GLN A 156 -16.57 -9.69 -11.83
N SER A 157 -15.32 -9.89 -11.42
CA SER A 157 -14.89 -10.82 -10.37
C SER A 157 -13.47 -10.44 -9.93
N PRO A 158 -13.11 -10.69 -8.66
CA PRO A 158 -11.79 -10.28 -8.16
C PRO A 158 -10.61 -11.20 -8.58
N SER A 159 -9.49 -10.56 -8.93
CA SER A 159 -8.20 -11.22 -9.09
C SER A 159 -7.68 -11.77 -7.74
N VAL A 160 -7.87 -11.03 -6.65
CA VAL A 160 -7.43 -11.47 -5.31
C VAL A 160 -8.64 -11.68 -4.41
N GLU A 161 -8.62 -12.82 -3.68
CA GLU A 161 -9.82 -13.27 -2.94
C GLU A 161 -10.11 -12.45 -1.66
N TYR A 162 -9.07 -12.14 -0.91
CA TYR A 162 -9.19 -11.26 0.24
C TYR A 162 -8.29 -10.02 0.10
N ARG A 163 -8.89 -8.84 0.21
CA ARG A 163 -8.09 -7.62 0.05
C ARG A 163 -8.53 -6.59 1.03
N GLY A 164 -7.57 -5.94 1.61
CA GLY A 164 -7.94 -5.12 2.71
C GLY A 164 -6.83 -4.26 3.15
N ILE A 165 -7.12 -3.52 4.22
CA ILE A 165 -6.17 -2.60 4.79
C ILE A 165 -6.00 -2.86 6.28
N PHE A 166 -4.88 -2.38 6.79
CA PHE A 166 -4.56 -2.39 8.18
C PHE A 166 -4.34 -0.92 8.68
N ILE A 167 -5.25 -0.36 9.50
CA ILE A 167 -4.95 0.91 10.15
C ILE A 167 -3.91 0.63 11.25
N ASN A 168 -2.75 1.29 11.16
CA ASN A 168 -1.57 1.08 12.03
C ASN A 168 -0.83 2.38 12.21
N ASP A 169 0.02 2.49 13.21
CA ASP A 169 0.78 3.74 13.42
C ASP A 169 -0.12 4.99 13.48
N GLU A 170 -1.31 4.78 14.07
CA GLU A 170 -2.41 5.72 14.10
C GLU A 170 -2.32 6.77 15.22
N ASP A 171 -1.25 6.75 16.02
CA ASP A 171 -1.13 7.57 17.25
C ASP A 171 -1.22 9.07 16.97
N TRP A 172 -0.91 9.51 15.73
CA TRP A 172 -0.76 10.95 15.38
C TRP A 172 -1.69 11.40 14.26
N GLY A 173 -2.75 10.67 14.02
CA GLY A 173 -3.66 10.99 12.93
C GLY A 173 -5.04 10.41 13.07
N LEU A 174 -5.21 9.17 12.61
CA LEU A 174 -6.55 8.61 12.60
C LEU A 174 -7.11 8.38 13.99
N PRO A 176 -6.51 10.25 17.06
CA PRO A 176 -7.05 11.54 17.61
C PRO A 176 -8.13 12.16 16.75
N TRP A 177 -8.03 12.02 15.43
CA TRP A 177 -9.09 12.52 14.57
C TRP A 177 -10.44 11.88 14.88
N SER A 178 -10.45 10.56 15.04
CA SER A 178 -11.69 9.85 15.37
C SER A 178 -12.25 10.22 16.78
N ASN A 179 -11.38 10.06 17.79
CA ASN A 179 -11.61 10.30 19.22
C ASN A 179 -11.93 11.74 19.65
N LYS A 180 -11.60 12.74 18.83
CA LYS A 180 -11.87 14.15 19.18
C LYS A 180 -12.61 14.94 18.07
N THR A 181 -12.31 14.67 16.80
CA THR A 181 -12.94 15.44 15.73
C THR A 181 -14.18 14.82 15.11
N TYR A 182 -14.11 13.56 14.69
CA TYR A 182 -15.24 12.96 13.99
C TYR A 182 -16.27 12.24 14.83
N GLU A 183 -15.81 11.44 15.79
CA GLU A 183 -16.73 10.74 16.69
C GLU A 183 -16.22 10.95 18.12
N PRO A 184 -16.45 12.18 18.67
CA PRO A 184 -15.81 12.57 19.94
C PRO A 184 -16.23 11.63 21.07
N SER A 185 -15.27 11.04 21.74
CA SER A 185 -15.60 10.07 22.76
C SER A 185 -14.82 10.37 24.02
N ASP A 186 -15.37 9.96 25.15
CA ASP A 186 -14.69 10.17 26.40
C ASP A 186 -13.80 9.02 26.89
N VAL A 187 -14.05 7.79 26.41
CA VAL A 187 -13.11 6.66 26.56
C VAL A 187 -11.74 6.96 25.88
N LYS A 188 -10.66 6.70 26.62
CA LYS A 188 -9.27 7.13 26.36
C LYS A 188 -8.75 7.08 24.92
N GLY A 189 -9.02 6.00 24.18
CA GLY A 189 -8.55 5.95 22.78
C GLY A 189 -9.58 5.33 21.87
N GLU A 190 -10.79 5.89 21.89
CA GLU A 190 -11.88 5.24 21.20
C GLU A 190 -12.10 5.72 19.76
N ILE A 191 -12.08 4.76 18.84
CA ILE A 191 -12.33 4.92 17.41
C ILE A 191 -13.54 4.04 17.27
N GLY A 192 -14.71 4.67 17.26
CA GLY A 192 -15.93 3.97 17.59
C GLY A 192 -16.66 3.45 16.39
N PRO A 193 -17.95 3.08 16.60
CA PRO A 193 -18.73 2.53 15.50
C PRO A 193 -18.86 3.48 14.31
N ARG A 194 -19.15 4.75 14.56
CA ARG A 194 -19.39 5.73 13.48
C ARG A 194 -18.13 5.91 12.59
N THR A 195 -16.96 6.03 13.20
CA THR A 195 -15.72 6.03 12.42
C THR A 195 -15.54 4.75 11.55
N ASN A 196 -15.83 3.58 12.13
CA ASN A 196 -15.68 2.33 11.39
C ASN A 196 -16.65 2.17 10.20
N GLU A 197 -17.90 2.59 10.38
CA GLU A 197 -18.83 2.65 9.25
C GLU A 197 -18.27 3.48 8.09
N ARG A 198 -17.62 4.61 8.41
CA ARG A 198 -16.92 5.42 7.42
C ARG A 198 -15.79 4.68 6.70
N ILE A 199 -14.92 3.99 7.46
CA ILE A 199 -13.88 3.15 6.90
C ILE A 199 -14.45 2.04 6.01
N PHE A 200 -15.52 1.39 6.51
CA PHE A 200 -16.12 0.32 5.73
C PHE A 200 -16.79 0.78 4.44
N GLU A 201 -17.39 1.98 4.44
CA GLU A 201 -17.82 2.60 3.15
C GLU A 201 -16.66 2.71 2.17
N LEU A 202 -15.51 3.14 2.68
CA LEU A 202 -14.37 3.34 1.83
C LEU A 202 -13.95 2.01 1.25
N LEU A 203 -13.97 0.95 2.08
CA LEU A 203 -13.54 -0.38 1.63
C LEU A 203 -14.49 -0.96 0.63
N LEU A 204 -15.78 -0.79 0.88
CA LEU A 204 -16.81 -1.18 -0.10
C LEU A 204 -16.59 -0.50 -1.44
N ARG A 205 -16.40 0.81 -1.41
CA ARG A 205 -16.22 1.58 -2.66
C ARG A 205 -14.92 1.19 -3.35
N LEU A 206 -13.93 0.72 -2.58
CA LEU A 206 -12.68 0.22 -3.14
C LEU A 206 -12.72 -1.28 -3.52
N ARG A 207 -13.86 -1.90 -3.29
CA ARG A 207 -14.13 -3.36 -3.45
C ARG A 207 -13.25 -4.25 -2.57
N ALA A 208 -12.83 -3.74 -1.44
CA ALA A 208 -12.02 -4.47 -0.49
C ALA A 208 -13.02 -5.17 0.42
N ASN A 209 -12.59 -6.27 1.04
CA ASN A 209 -13.52 -7.05 1.87
C ASN A 209 -13.04 -7.31 3.28
N THR A 210 -11.80 -6.93 3.57
CA THR A 210 -11.09 -7.31 4.78
C THR A 210 -10.54 -6.08 5.55
N TYR A 211 -10.43 -6.16 6.87
CA TYR A 211 -9.94 -5.07 7.71
C TYR A 211 -9.13 -5.62 8.86
N TRP A 212 -7.96 -5.04 9.09
CA TRP A 212 -7.23 -5.24 10.33
C TRP A 212 -7.36 -3.94 11.10
N PRO A 213 -8.15 -3.93 12.18
CA PRO A 213 -8.45 -2.69 12.91
C PRO A 213 -7.21 -2.12 13.59
N ALA A 214 -7.23 -0.84 13.98
CA ALA A 214 -6.16 -0.20 14.82
C ALA A 214 -5.99 -0.98 16.09
N HIS A 216 -2.83 -0.33 18.23
CA HIS A 216 -1.76 0.24 19.04
C HIS A 216 -2.23 0.44 20.48
N GLU A 217 -1.28 0.31 21.42
CA GLU A 217 -1.51 0.51 22.86
C GLU A 217 -2.33 1.78 23.17
N CYS A 218 -2.08 2.87 22.45
CA CYS A 218 -2.91 4.10 22.53
C CYS A 218 -4.41 4.00 22.12
N THR A 219 -4.81 2.88 21.54
CA THR A 219 -6.17 2.69 21.00
C THR A 219 -7.01 1.63 21.77
N LEU A 220 -8.30 1.86 21.90
CA LEU A 220 -9.22 0.85 22.43
C LEU A 220 -9.33 -0.34 21.46
N PRO A 221 -8.98 -1.56 21.92
CA PRO A 221 -9.15 -2.70 21.02
C PRO A 221 -10.53 -2.80 20.41
N PHE A 222 -10.55 -3.10 19.12
CA PHE A 222 -11.73 -3.13 18.30
C PHE A 222 -12.89 -3.86 18.95
N PHE A 223 -12.62 -5.09 19.40
CA PHE A 223 -13.67 -6.01 19.85
C PHE A 223 -14.11 -5.75 21.29
N LEU A 224 -13.41 -4.81 21.93
CA LEU A 224 -13.75 -4.25 23.23
C LEU A 224 -14.42 -2.88 23.10
N THR A 225 -14.89 -2.56 21.88
CA THR A 225 -15.53 -1.28 21.61
C THR A 225 -16.96 -1.60 21.25
N LYS A 226 -17.89 -0.96 21.94
CA LYS A 226 -19.29 -1.21 21.71
C LYS A 226 -19.73 -0.65 20.33
N GLY A 227 -20.29 -1.53 19.51
CA GLY A 227 -20.81 -1.18 18.19
C GLY A 227 -19.99 -1.77 17.05
N ASN A 228 -18.69 -1.82 17.26
CA ASN A 228 -17.70 -2.09 16.22
C ASN A 228 -17.91 -3.40 15.52
N ARG A 229 -18.05 -4.46 16.31
CA ARG A 229 -18.28 -5.81 15.83
C ARG A 229 -19.56 -5.88 14.96
N GLU A 230 -20.65 -5.30 15.48
CA GLU A 230 -21.95 -5.22 14.76
C GLU A 230 -21.90 -4.35 13.48
N ALA A 231 -21.11 -3.26 13.51
CA ALA A 231 -20.86 -2.41 12.33
C ALA A 231 -20.18 -3.21 11.20
N ALA A 232 -19.20 -4.01 11.58
CA ALA A 232 -18.51 -4.89 10.65
C ALA A 232 -19.46 -5.93 10.03
N LYS A 233 -20.41 -6.40 10.81
CA LYS A 233 -21.42 -7.33 10.31
C LYS A 233 -22.36 -6.61 9.31
N LYS A 234 -22.72 -5.37 9.62
CA LYS A 234 -23.60 -4.55 8.76
C LYS A 234 -22.97 -4.33 7.38
N TYR A 235 -21.65 -4.08 7.38
CA TYR A 235 -20.86 -3.77 6.18
C TYR A 235 -20.18 -4.97 5.52
N GLY A 236 -20.23 -6.14 6.17
CA GLY A 236 -19.81 -7.43 5.54
C GLY A 236 -18.31 -7.52 5.34
N ILE A 237 -17.56 -7.06 6.33
CA ILE A 237 -16.11 -6.95 6.27
C ILE A 237 -15.52 -8.08 7.10
N PHE A 238 -14.56 -8.80 6.54
CA PHE A 238 -13.87 -9.80 7.30
C PHE A 238 -12.98 -9.07 8.26
N GLY A 240 -9.94 -9.37 10.33
CA GLY A 240 -8.69 -10.11 10.42
C GLY A 240 -7.86 -9.33 11.41
N ALA A 241 -6.60 -9.71 11.63
CA ALA A 241 -5.69 -8.97 12.53
C ALA A 241 -4.27 -9.41 12.23
N SER A 242 -3.27 -8.76 12.84
CA SER A 242 -1.87 -8.87 12.39
C SER A 242 -1.10 -10.08 12.90
N HIS A 243 0.16 -10.15 12.46
CA HIS A 243 1.11 -11.27 12.75
C HIS A 243 1.31 -11.57 14.24
N CYS A 244 0.86 -10.64 15.10
CA CYS A 244 0.95 -10.80 16.56
C CYS A 244 -0.43 -10.69 17.25
N GLU A 245 -1.49 -10.97 16.49
CA GLU A 245 -2.85 -10.88 17.03
C GLU A 245 -3.64 -12.13 16.64
N PRO A 246 -3.21 -13.29 17.20
CA PRO A 246 -3.69 -14.63 16.89
C PRO A 246 -5.18 -14.85 16.96
N ALA A 248 -8.32 -13.42 16.53
CA ALA A 248 -9.09 -12.17 16.57
C ALA A 248 -8.75 -11.36 17.85
N CYS A 249 -7.57 -11.62 18.41
CA CYS A 249 -7.19 -11.20 19.76
C CYS A 249 -6.03 -10.25 19.79
N ASN A 250 -6.35 -9.00 20.04
CA ASN A 250 -5.35 -7.96 20.15
C ASN A 250 -4.62 -8.02 21.52
N ALA A 251 -3.52 -8.76 21.58
CA ALA A 251 -2.73 -8.88 22.79
C ALA A 251 -2.24 -7.52 23.28
N ALA A 252 -1.74 -6.71 22.34
CA ALA A 252 -1.17 -5.36 22.60
C ALA A 252 -1.98 -4.52 23.57
N GLY A 253 -3.29 -4.41 23.29
CA GLY A 253 -4.23 -3.67 24.14
C GLY A 253 -5.01 -4.51 25.15
N GLU A 254 -5.41 -5.73 24.75
CA GLU A 254 -6.36 -6.57 25.54
C GLU A 254 -5.71 -7.35 26.65
N TRP A 255 -4.48 -7.84 26.44
CA TRP A 255 -3.83 -8.68 27.43
C TRP A 255 -3.71 -8.07 28.84
N LYS A 256 -3.41 -6.78 28.89
CA LYS A 256 -3.33 -6.10 30.17
C LYS A 256 -4.72 -5.82 30.76
N ILE A 257 -5.77 -5.88 29.94
CA ILE A 257 -7.16 -5.66 30.40
C ILE A 257 -7.88 -6.95 30.93
N ARG A 258 -7.67 -8.08 30.26
CA ARG A 258 -8.48 -9.30 30.38
C ARG A 258 -7.66 -10.57 30.67
N GLY A 259 -6.36 -10.52 30.44
CA GLY A 259 -5.49 -11.70 30.63
C GLY A 259 -4.95 -11.80 32.04
N LYS A 260 -4.21 -12.86 32.31
CA LYS A 260 -3.67 -13.11 33.66
C LYS A 260 -2.26 -13.68 33.58
N GLY A 261 -1.29 -12.99 34.18
CA GLY A 261 0.07 -13.49 34.20
C GLY A 261 0.75 -13.22 32.88
N ALA A 262 1.83 -13.93 32.62
CA ALA A 262 2.59 -13.70 31.40
C ALA A 262 1.88 -14.25 30.12
N TYR A 263 2.04 -13.52 29.00
CA TYR A 263 1.60 -13.94 27.65
C TYR A 263 2.63 -14.89 27.07
N ASP A 264 2.56 -16.11 27.59
CA ASP A 264 3.62 -17.10 27.47
C ASP A 264 2.92 -18.45 27.45
N TYR A 265 3.10 -19.19 26.36
CA TYR A 265 2.38 -20.44 26.22
C TYR A 265 3.12 -21.59 26.89
N VAL A 266 4.45 -21.50 26.91
CA VAL A 266 5.29 -22.52 27.57
C VAL A 266 4.99 -22.61 29.07
N ASN A 267 4.69 -21.50 29.74
CA ASN A 267 4.60 -21.48 31.21
C ASN A 267 3.22 -21.17 31.81
N ASN A 268 2.34 -20.62 30.96
CA ASN A 268 1.06 -20.04 31.39
C ASN A 268 -0.03 -20.29 30.32
N SER A 269 0.14 -21.33 29.51
CA SER A 269 -0.88 -21.70 28.49
C SER A 269 -2.35 -21.74 28.90
N PRO A 270 -2.69 -22.16 30.15
CA PRO A 270 -4.13 -22.12 30.45
C PRO A 270 -4.79 -20.75 30.39
N ALA A 271 -4.09 -19.72 30.88
CA ALA A 271 -4.62 -18.34 30.86
C ALA A 271 -4.62 -17.79 29.43
N VAL A 272 -3.67 -18.21 28.62
CA VAL A 272 -3.56 -17.68 27.26
C VAL A 272 -4.70 -18.30 26.47
N TYR A 273 -4.86 -19.62 26.59
CA TYR A 273 -5.97 -20.36 25.97
C TYR A 273 -7.33 -19.75 26.32
N GLN A 274 -7.57 -19.49 27.61
CA GLN A 274 -8.81 -18.89 28.10
C GLN A 274 -9.09 -17.57 27.41
N PHE A 275 -8.14 -16.65 27.51
CA PHE A 275 -8.07 -15.36 26.81
C PHE A 275 -8.59 -15.45 25.36
N TRP A 276 -7.94 -16.27 24.53
CA TRP A 276 -8.37 -16.54 23.15
C TRP A 276 -9.83 -17.03 23.07
N GLU A 277 -10.15 -18.05 23.90
CA GLU A 277 -11.45 -18.72 23.91
C GLU A 277 -12.65 -17.79 24.07
N ASP A 278 -12.58 -16.89 25.04
CA ASP A 278 -13.71 -16.01 25.31
C ASP A 278 -14.10 -15.26 24.05
N ARG A 279 -13.07 -14.90 23.27
CA ARG A 279 -13.19 -14.10 22.05
C ARG A 279 -13.77 -14.91 20.90
N VAL A 280 -13.19 -16.07 20.60
CA VAL A 280 -13.75 -17.01 19.63
C VAL A 280 -15.24 -17.30 19.91
N LYS A 281 -15.63 -17.38 21.19
CA LYS A 281 -17.03 -17.55 21.61
C LYS A 281 -17.94 -16.43 21.10
N GLU A 282 -17.54 -15.18 21.31
CA GLU A 282 -18.43 -14.04 21.00
C GLU A 282 -18.50 -13.64 19.51
N VAL A 283 -17.68 -14.28 18.69
CA VAL A 283 -17.34 -13.84 17.35
C VAL A 283 -17.46 -14.98 16.31
N ALA A 284 -17.92 -16.16 16.74
CA ALA A 284 -17.98 -17.40 15.90
C ALA A 284 -18.99 -17.45 14.71
N GLY A 285 -20.08 -16.69 14.81
CA GLY A 285 -21.04 -16.60 13.70
C GLY A 285 -20.87 -15.27 13.00
N GLN A 286 -19.66 -15.06 12.49
CA GLN A 286 -19.26 -13.76 11.97
C GLN A 286 -18.09 -13.93 11.01
N GLU A 287 -18.04 -13.03 10.04
CA GLU A 287 -16.98 -12.98 9.04
C GLU A 287 -15.67 -12.49 9.67
N ILE A 288 -14.80 -13.47 9.92
CA ILE A 288 -13.53 -13.32 10.61
C ILE A 288 -12.51 -14.12 9.84
N LEU A 289 -11.30 -13.56 9.72
CA LEU A 289 -10.13 -14.29 9.28
C LEU A 289 -9.23 -14.46 10.49
N TYR A 290 -8.99 -15.73 10.85
CA TYR A 290 -8.31 -16.08 12.10
C TYR A 290 -6.84 -16.16 11.83
N THR A 291 -6.09 -15.24 12.45
CA THR A 291 -4.62 -15.32 12.38
C THR A 291 -4.15 -16.44 13.33
N LEU A 292 -3.29 -17.33 12.86
CA LEU A 292 -2.76 -18.40 13.72
C LEU A 292 -1.40 -18.04 14.26
N GLY A 293 -0.95 -18.80 15.28
CA GLY A 293 0.39 -18.69 15.80
C GLY A 293 0.50 -17.80 17.02
N ARG A 295 3.33 -14.53 18.65
CA ARG A 295 4.54 -13.71 18.79
C ARG A 295 4.49 -13.06 20.16
N GLY A 296 5.03 -11.85 20.29
CA GLY A 296 4.96 -11.08 21.52
C GLY A 296 3.60 -10.39 21.76
N VAL A 297 3.58 -9.54 22.79
CA VAL A 297 2.50 -8.60 23.06
C VAL A 297 2.23 -7.62 21.88
N HIS A 298 3.29 -6.98 21.38
CA HIS A 298 3.25 -6.16 20.15
C HIS A 298 4.23 -6.74 19.12
N ASP A 299 5.36 -6.07 18.85
CA ASP A 299 6.47 -6.75 18.18
C ASP A 299 7.41 -7.43 19.19
N GLY A 300 8.43 -8.10 18.66
CA GLY A 300 9.41 -8.84 19.46
C GLY A 300 9.26 -10.35 19.39
N LYS A 301 10.17 -11.03 20.09
CA LYS A 301 10.13 -12.48 20.29
C LYS A 301 8.81 -12.85 20.94
N GLN A 303 7.46 -14.86 24.18
CA GLN A 303 8.04 -15.16 25.48
C GLN A 303 8.21 -16.67 25.61
N GLY A 304 9.17 -17.09 26.43
CA GLY A 304 9.27 -18.50 26.90
C GLY A 304 10.08 -19.45 26.04
N ALA A 305 10.37 -19.00 24.82
CA ALA A 305 11.32 -19.69 23.94
C ALA A 305 12.38 -18.72 23.44
N LYS A 306 13.62 -19.22 23.32
CA LYS A 306 14.77 -18.40 22.94
C LYS A 306 15.23 -18.72 21.51
N THR A 307 15.50 -20.01 21.27
CA THR A 307 15.98 -20.47 19.96
C THR A 307 14.83 -20.91 19.05
N VAL A 308 15.12 -20.92 17.75
CA VAL A 308 14.18 -21.32 16.69
C VAL A 308 13.69 -22.80 16.85
N GLU A 309 14.56 -23.69 17.34
CA GLU A 309 14.15 -25.06 17.67
C GLU A 309 13.09 -25.14 18.80
N GLU A 310 13.16 -24.21 19.75
CA GLU A 310 12.22 -24.17 20.88
C GLU A 310 10.98 -23.36 20.53
N GLN A 311 11.19 -22.30 19.74
CA GLN A 311 10.12 -21.50 19.13
C GLN A 311 9.25 -22.33 18.14
N LYS A 312 9.76 -23.46 17.62
CA LYS A 312 9.00 -24.39 16.74
C LYS A 312 8.09 -25.35 17.51
N ALA A 313 8.66 -25.99 18.53
CA ALA A 313 7.91 -26.80 19.50
C ALA A 313 6.67 -26.08 20.03
N VAL A 314 6.81 -24.76 20.24
CA VAL A 314 5.74 -23.87 20.79
C VAL A 314 4.53 -23.82 19.85
N LEU A 315 4.80 -23.44 18.62
CA LEU A 315 3.80 -23.20 17.60
C LEU A 315 2.99 -24.45 17.29
N ASP A 316 3.67 -25.59 17.11
CA ASP A 316 3.05 -26.92 17.00
C ASP A 316 1.99 -27.10 18.09
N ARG A 317 2.32 -26.72 19.33
CA ARG A 317 1.39 -26.81 20.47
C ARG A 317 0.25 -25.81 20.30
N VAL A 318 0.61 -24.65 19.77
CA VAL A 318 -0.31 -23.52 19.63
C VAL A 318 -1.32 -23.78 18.51
N PHE A 319 -0.87 -24.22 17.34
CA PHE A 319 -1.80 -24.52 16.24
C PHE A 319 -2.91 -25.48 16.66
N VAL A 320 -2.49 -26.57 17.32
CA VAL A 320 -3.38 -27.68 17.67
C VAL A 320 -4.51 -27.20 18.58
N ASP A 321 -4.18 -26.33 19.53
CA ASP A 321 -5.21 -25.78 20.44
C ASP A 321 -6.05 -24.69 19.80
N GLN A 322 -5.41 -23.90 18.94
CA GLN A 322 -6.09 -22.80 18.25
C GLN A 322 -7.13 -23.31 17.27
N ARG A 323 -6.74 -24.25 16.42
CA ARG A 323 -7.69 -24.98 15.57
C ARG A 323 -8.74 -25.76 16.39
N GLY A 324 -8.31 -26.26 17.56
CA GLY A 324 -9.21 -26.79 18.58
C GLY A 324 -10.41 -25.93 18.88
N LEU A 325 -10.18 -24.65 19.19
CA LEU A 325 -11.30 -23.75 19.55
C LEU A 325 -12.23 -23.49 18.37
N LEU A 326 -11.63 -23.47 17.18
CA LEU A 326 -12.31 -23.28 15.93
C LEU A 326 -13.24 -24.46 15.62
N GLU A 327 -12.69 -25.70 15.70
CA GLU A 327 -13.50 -26.96 15.78
C GLU A 327 -14.72 -26.86 16.70
N LYS A 328 -14.47 -26.53 17.97
CA LYS A 328 -15.50 -26.43 19.00
C LYS A 328 -16.54 -25.27 18.89
N TYR A 329 -16.15 -24.06 18.48
CA TYR A 329 -17.16 -22.96 18.38
C TYR A 329 -17.50 -22.41 16.98
N VAL A 330 -16.68 -22.71 15.97
CA VAL A 330 -16.94 -22.09 14.65
C VAL A 330 -17.45 -23.11 13.65
N ASN A 331 -16.70 -24.19 13.44
CA ASN A 331 -17.08 -25.16 12.41
C ASN A 331 -16.40 -26.49 12.64
N LYS A 332 -17.19 -27.57 12.68
CA LYS A 332 -16.66 -28.89 12.98
C LYS A 332 -15.58 -29.36 11.98
N ASP A 333 -15.71 -28.95 10.72
CA ASP A 333 -14.60 -29.06 9.75
C ASP A 333 -13.86 -27.73 9.73
N VAL A 334 -12.57 -27.73 10.11
CA VAL A 334 -11.81 -26.47 10.25
C VAL A 334 -11.31 -25.91 8.92
N THR A 335 -11.17 -26.79 7.94
CA THR A 335 -10.84 -26.41 6.55
C THR A 335 -11.96 -25.53 5.93
N GLN A 336 -13.08 -25.39 6.63
CA GLN A 336 -14.17 -24.46 6.26
C GLN A 336 -14.05 -23.14 7.06
N VAL A 337 -13.05 -23.02 7.93
CA VAL A 337 -12.79 -21.77 8.69
C VAL A 337 -11.60 -21.10 8.03
N PRO A 338 -11.75 -19.81 7.61
CA PRO A 338 -10.58 -19.18 6.97
C PRO A 338 -9.45 -18.77 7.97
N GLN A 339 -8.22 -19.12 7.59
CA GLN A 339 -7.11 -19.10 8.51
C GLN A 339 -5.85 -18.52 7.87
N VAL A 340 -5.08 -17.74 8.62
CA VAL A 340 -3.86 -17.19 8.06
C VAL A 340 -2.69 -17.39 9.04
N PHE A 341 -1.53 -17.71 8.47
CA PHE A 341 -0.32 -17.69 9.22
C PHE A 341 0.62 -16.67 8.58
N ILE A 342 1.13 -15.75 9.41
CA ILE A 342 1.90 -14.59 8.93
C ILE A 342 3.31 -14.60 9.48
N PRO A 343 4.29 -15.15 8.72
CA PRO A 343 5.70 -15.13 9.12
C PRO A 343 6.42 -13.79 8.76
N TYR A 344 6.15 -12.80 9.59
CA TYR A 344 6.68 -11.45 9.52
C TYR A 344 7.89 -11.39 10.47
N LYS A 345 8.88 -10.56 10.10
CA LYS A 345 10.13 -10.38 10.87
C LYS A 345 10.75 -11.75 11.24
N GLU A 346 10.94 -12.08 12.52
CA GLU A 346 11.73 -13.28 12.96
C GLU A 346 10.97 -14.62 12.75
N VAL A 347 9.65 -14.51 12.52
CA VAL A 347 8.82 -15.69 12.31
C VAL A 347 9.06 -16.36 10.94
N LEU A 348 9.53 -15.58 9.96
CA LEU A 348 9.98 -16.13 8.66
C LEU A 348 11.06 -17.19 8.90
N ASP A 349 12.04 -16.89 9.78
CA ASP A 349 13.08 -17.86 10.24
C ASP A 349 12.48 -19.12 10.84
N ILE A 350 11.55 -18.96 11.76
CA ILE A 350 10.95 -20.12 12.40
C ILE A 350 10.09 -21.00 11.45
N TYR A 351 9.44 -20.37 10.46
CA TYR A 351 8.85 -21.13 9.33
C TYR A 351 9.91 -21.99 8.59
N HIS A 352 10.92 -21.32 8.01
CA HIS A 352 12.11 -21.92 7.33
C HIS A 352 12.93 -22.97 8.09
N ALA A 353 12.68 -23.14 9.37
CA ALA A 353 13.36 -24.18 10.14
C ALA A 353 12.55 -25.49 10.07
N GLY A 354 11.81 -25.65 8.97
CA GLY A 354 10.86 -26.74 8.72
C GLY A 354 9.64 -26.86 9.62
N LEU A 355 8.89 -25.78 9.79
CA LEU A 355 7.65 -25.87 10.60
C LEU A 355 6.48 -26.36 9.76
N GLN A 356 5.66 -27.23 10.34
CA GLN A 356 4.52 -27.77 9.60
C GLN A 356 3.26 -26.92 9.84
N VAL A 357 2.73 -26.33 8.78
CA VAL A 357 1.50 -25.53 8.88
C VAL A 357 0.44 -26.28 8.07
N PRO A 358 -0.75 -26.54 8.65
CA PRO A 358 -1.78 -27.33 7.95
C PRO A 358 -2.19 -26.70 6.64
N GLU A 359 -2.27 -27.54 5.60
CA GLU A 359 -2.35 -27.14 4.18
C GLU A 359 -3.48 -26.14 3.81
N ASP A 360 -4.55 -26.14 4.61
CA ASP A 360 -5.66 -25.22 4.40
C ASP A 360 -5.34 -23.78 4.84
N VAL A 361 -4.35 -23.62 5.74
CA VAL A 361 -3.97 -22.31 6.27
C VAL A 361 -3.24 -21.47 5.23
N THR A 362 -3.80 -20.29 4.97
CA THR A 362 -3.17 -19.33 4.04
C THR A 362 -1.81 -18.92 4.60
N LEU A 363 -0.77 -19.01 3.78
CA LEU A 363 0.56 -18.53 4.21
C LEU A 363 0.77 -17.07 3.78
N TRP A 365 3.05 -14.01 3.16
CA TRP A 365 4.37 -13.42 3.03
C TRP A 365 4.37 -11.93 3.32
N CYS A 366 5.55 -11.41 3.65
CA CYS A 366 5.68 -10.03 4.09
C CYS A 366 6.71 -9.26 3.28
N ASP A 367 6.48 -7.97 3.08
CA ASP A 367 7.51 -7.11 2.49
C ASP A 367 8.45 -6.72 3.63
N ASP A 368 9.54 -5.98 3.34
CA ASP A 368 10.55 -5.65 4.35
C ASP A 368 10.26 -4.28 4.99
N ASN A 369 9.01 -3.88 4.93
CA ASN A 369 8.51 -2.64 5.44
C ASN A 369 8.76 -1.45 4.52
N TYR A 370 9.58 -1.64 3.49
CA TYR A 370 9.85 -0.59 2.51
C TYR A 370 9.40 -1.01 1.11
N GLY A 371 8.40 -1.89 1.07
CA GLY A 371 7.74 -2.26 -0.20
C GLY A 371 8.49 -3.25 -1.08
N TYR A 372 9.48 -3.93 -0.48
CA TYR A 372 10.17 -5.07 -1.12
C TYR A 372 9.81 -6.40 -0.47
N ILE A 373 9.02 -7.18 -1.20
CA ILE A 373 8.55 -8.51 -0.73
C ILE A 373 9.72 -9.46 -0.39
N ARG A 374 9.75 -9.98 0.85
CA ARG A 374 10.87 -10.85 1.28
C ARG A 374 10.81 -12.29 0.68
N HIS A 375 9.60 -12.82 0.50
CA HIS A 375 9.52 -14.22 0.05
C HIS A 375 8.39 -14.47 -0.91
N PHE A 376 8.76 -15.12 -2.01
CA PHE A 376 7.84 -15.64 -3.02
C PHE A 376 7.66 -17.17 -2.93
N PRO A 377 6.41 -17.67 -3.08
CA PRO A 377 6.10 -19.08 -2.81
C PRO A 377 6.87 -20.01 -3.71
N THR A 378 7.52 -21.01 -3.10
CA THR A 378 8.08 -22.15 -3.84
C THR A 378 6.91 -22.95 -4.39
N ALA A 379 7.16 -23.66 -5.51
CA ALA A 379 6.15 -24.47 -6.24
C ALA A 379 5.32 -25.30 -5.30
N GLU A 380 5.98 -25.79 -4.25
CA GLU A 380 5.31 -26.51 -3.16
C GLU A 380 4.24 -25.62 -2.48
N GLU A 381 4.71 -24.50 -1.88
CA GLU A 381 3.88 -23.54 -1.13
C GLU A 381 2.76 -23.03 -1.98
N ARG A 382 3.06 -22.81 -3.25
CA ARG A 382 2.06 -22.40 -4.20
C ARG A 382 0.89 -23.40 -4.39
N ALA A 383 1.20 -24.70 -4.45
CA ALA A 383 0.19 -25.77 -4.64
C ALA A 383 -0.68 -26.03 -3.38
N ARG A 384 -0.26 -25.54 -2.21
CA ARG A 384 -1.11 -25.59 -1.00
C ARG A 384 -2.55 -25.07 -1.21
N LYS A 385 -3.50 -25.81 -0.67
CA LYS A 385 -4.93 -25.53 -0.79
C LYS A 385 -5.30 -24.16 -0.18
N GLY A 386 -4.59 -23.74 0.87
CA GLY A 386 -4.83 -22.44 1.53
C GLY A 386 -4.35 -21.18 0.81
N GLY A 387 -3.65 -21.37 -0.31
CA GLY A 387 -3.05 -20.33 -1.15
C GLY A 387 -1.97 -19.49 -0.45
N ASN A 388 -1.56 -18.40 -1.09
CA ASN A 388 -0.55 -17.52 -0.52
C ASN A 388 -0.98 -16.06 -0.52
N GLY A 389 -0.75 -15.40 0.62
CA GLY A 389 -1.03 -13.98 0.79
C GLY A 389 0.20 -13.09 0.90
N VAL A 390 -0.04 -11.79 0.98
CA VAL A 390 1.02 -10.78 1.22
C VAL A 390 0.51 -9.62 2.06
N TYR A 391 1.36 -9.23 3.02
CA TYR A 391 1.20 -8.09 3.88
C TYR A 391 2.27 -7.11 3.41
N TYR A 392 1.81 -5.98 2.85
CA TYR A 392 2.62 -4.94 2.21
C TYR A 392 2.52 -3.61 2.96
N HIS A 393 3.59 -2.81 2.92
CA HIS A 393 3.63 -1.52 3.63
C HIS A 393 3.69 -0.34 2.69
N VAL A 394 2.77 0.62 2.84
CA VAL A 394 2.98 1.99 2.29
C VAL A 394 3.18 3.01 3.42
N SER A 395 3.28 2.50 4.64
CA SER A 395 3.56 3.29 5.85
C SER A 395 4.29 2.42 6.89
N TYR A 396 5.19 3.01 7.68
CA TYR A 396 5.89 2.18 8.63
C TYR A 396 6.53 2.93 9.77
N TRP A 397 6.59 2.26 10.91
CA TRP A 397 7.37 2.75 12.07
C TRP A 397 8.46 1.72 12.32
N GLY A 398 9.72 2.11 12.21
CA GLY A 398 10.82 1.18 12.42
C GLY A 398 12.12 1.61 11.80
N ARG A 399 13.08 0.68 11.75
CA ARG A 399 14.42 0.87 11.27
C ARG A 399 14.51 0.57 9.77
N PRO A 400 15.42 1.21 9.05
CA PRO A 400 16.32 2.30 9.54
C PRO A 400 15.61 3.65 9.85
N HIS A 401 14.40 3.89 9.34
CA HIS A 401 13.67 5.15 9.69
C HIS A 401 12.15 5.04 9.39
N ASP A 402 11.29 5.60 10.25
CA ASP A 402 9.83 5.67 9.95
C ASP A 402 9.55 6.47 8.68
N HIS A 403 8.61 5.98 7.86
CA HIS A 403 7.92 6.83 6.92
C HIS A 403 6.46 6.89 7.31
N LEU A 404 6.10 7.92 8.08
CA LEU A 404 4.72 8.03 8.60
C LEU A 404 4.01 9.32 8.29
N TRP A 405 4.72 10.29 7.70
CA TRP A 405 4.09 11.58 7.53
C TRP A 405 3.32 11.69 6.22
N LEU A 406 4.06 11.57 5.11
CA LEU A 406 3.54 11.56 3.78
C LEU A 406 3.67 10.17 3.14
N SER A 407 2.91 9.96 2.09
CA SER A 407 2.84 8.72 1.44
C SER A 407 3.46 8.91 0.07
N THR A 408 4.71 8.51 -0.04
CA THR A 408 5.45 8.83 -1.19
C THR A 408 6.04 7.64 -1.94
N SER A 410 6.60 4.97 -4.54
CA SER A 410 6.37 5.07 -5.94
C SER A 410 5.34 4.06 -6.40
N PRO A 411 4.36 4.54 -7.18
CA PRO A 411 3.39 3.67 -7.86
C PRO A 411 4.05 2.62 -8.68
N SER A 412 5.19 2.99 -9.29
CA SER A 412 5.98 2.12 -10.12
C SER A 412 6.56 0.94 -9.36
N LEU A 413 6.82 1.11 -8.05
CA LEU A 413 7.46 0.10 -7.23
C LEU A 413 6.36 -0.79 -6.66
N ILE A 414 5.27 -0.16 -6.22
CA ILE A 414 4.13 -0.90 -5.78
C ILE A 414 3.76 -1.81 -6.95
N TYR A 415 3.52 -1.23 -8.14
CA TYR A 415 3.17 -2.01 -9.31
C TYR A 415 4.08 -3.20 -9.53
N GLN A 416 5.39 -2.96 -9.67
CA GLN A 416 6.27 -4.04 -10.06
C GLN A 416 6.40 -5.17 -9.03
N GLN A 417 6.34 -4.82 -7.75
CA GLN A 417 6.42 -5.80 -6.72
C GLN A 417 5.15 -6.63 -6.66
N LYS A 419 2.60 -6.92 -8.96
CA LYS A 419 2.45 -7.69 -10.19
C LYS A 419 3.28 -8.98 -10.07
N GLN A 420 4.54 -8.85 -9.68
CA GLN A 420 5.37 -10.02 -9.46
C GLN A 420 4.74 -10.96 -8.44
N ALA A 421 4.21 -10.42 -7.34
CA ALA A 421 3.54 -11.22 -6.32
C ALA A 421 2.38 -12.07 -6.89
N TYR A 422 1.51 -11.45 -7.70
CA TYR A 422 0.42 -12.22 -8.29
C TYR A 422 0.95 -13.31 -9.24
N ASP A 423 1.88 -12.92 -10.10
CA ASP A 423 2.48 -13.83 -11.06
C ASP A 423 3.21 -15.02 -10.36
N GLN A 424 3.87 -14.73 -9.27
CA GLN A 424 4.49 -15.78 -8.48
C GLN A 424 3.48 -16.54 -7.61
N GLY A 425 2.19 -16.33 -7.83
CA GLY A 425 1.19 -17.16 -7.17
C GLY A 425 0.70 -16.68 -5.81
N ILE A 426 1.02 -15.45 -5.42
CA ILE A 426 0.40 -14.84 -4.21
C ILE A 426 -0.96 -14.24 -4.63
N GLN A 427 -2.03 -15.02 -4.48
CA GLN A 427 -3.34 -14.68 -5.06
C GLN A 427 -4.53 -14.80 -4.10
N LYS A 428 -4.26 -15.18 -2.87
CA LYS A 428 -5.36 -15.43 -1.98
C LYS A 428 -5.74 -14.16 -1.18
N TRP A 430 -4.33 -10.16 0.02
CA TRP A 430 -3.47 -8.96 0.01
C TRP A 430 -3.94 -7.98 1.08
N ILE A 431 -2.99 -7.51 1.86
CA ILE A 431 -3.26 -6.65 2.99
C ILE A 431 -2.23 -5.56 3.01
N LEU A 432 -2.76 -4.33 2.98
CA LEU A 432 -1.96 -3.12 2.93
C LEU A 432 -1.89 -2.39 4.27
N ASN A 433 -0.67 -2.17 4.77
CA ASN A 433 -0.50 -1.25 5.88
C ASN A 433 -0.60 0.18 5.40
N VAL A 434 -1.60 0.90 5.91
CA VAL A 434 -1.97 2.20 5.31
C VAL A 434 -1.82 3.40 6.23
N GLY A 435 -1.28 3.14 7.42
CA GLY A 435 -1.11 4.20 8.42
C GLY A 435 -2.48 4.73 8.81
N ASP A 436 -2.68 6.05 8.60
CA ASP A 436 -3.94 6.76 8.92
C ASP A 436 -4.91 6.83 7.74
N ILE A 437 -4.68 6.01 6.70
CA ILE A 437 -5.37 6.13 5.38
C ILE A 437 -4.90 7.41 4.63
N LYS A 438 -5.31 8.59 5.09
CA LYS A 438 -4.80 9.85 4.48
C LYS A 438 -3.33 10.01 4.95
N PRO A 439 -2.37 10.34 4.09
CA PRO A 439 -2.61 10.83 2.74
C PRO A 439 -2.03 9.87 1.66
N ALA A 440 -2.47 8.62 1.66
CA ALA A 440 -2.02 7.55 0.78
C ALA A 440 -3.13 7.13 -0.16
N GLU A 441 -4.14 7.99 -0.27
CA GLU A 441 -5.32 7.76 -1.06
C GLU A 441 -5.01 7.13 -2.43
N TYR A 442 -4.01 7.68 -3.10
CA TYR A 442 -3.71 7.19 -4.40
C TYR A 442 -3.14 5.75 -4.37
N GLN A 443 -2.07 5.52 -3.60
CA GLN A 443 -1.44 4.17 -3.52
C GLN A 443 -2.43 3.06 -3.10
N ILE A 444 -3.33 3.41 -2.18
CA ILE A 444 -4.35 2.53 -1.67
C ILE A 444 -5.25 2.13 -2.84
N GLU A 445 -5.68 3.08 -3.64
CA GLU A 445 -6.58 2.75 -4.71
C GLU A 445 -5.86 1.93 -5.80
N LEU A 446 -4.61 2.28 -6.06
CA LEU A 446 -3.81 1.46 -6.97
C LEU A 446 -3.76 0.00 -6.48
N PHE A 447 -3.31 -0.21 -5.24
CA PHE A 447 -3.28 -1.51 -4.64
C PHE A 447 -4.64 -2.22 -4.79
N ASP A 449 -7.22 -1.60 -6.84
CA ASP A 449 -7.43 -1.87 -8.27
C ASP A 449 -6.66 -3.11 -8.72
N ALA A 451 -5.70 -5.62 -6.96
CA ALA A 451 -6.27 -6.77 -6.27
C ALA A 451 -7.64 -7.11 -6.82
N TRP A 452 -8.32 -6.09 -7.36
CA TRP A 452 -9.65 -6.31 -7.91
C TRP A 452 -9.60 -6.81 -9.36
N ASN A 453 -8.74 -6.20 -10.18
CA ASN A 453 -8.59 -6.57 -11.59
C ASN A 453 -7.20 -6.22 -12.05
N LEU A 454 -6.27 -7.15 -11.87
CA LEU A 454 -4.87 -7.00 -12.32
C LEU A 454 -4.69 -6.76 -13.86
N ASP A 455 -5.47 -7.46 -14.69
CA ASP A 455 -5.33 -7.32 -16.16
C ASP A 455 -5.60 -5.89 -16.61
N LYS A 456 -6.63 -5.25 -16.03
CA LYS A 456 -6.96 -3.90 -16.41
C LYS A 456 -5.79 -2.97 -16.08
N VAL A 457 -5.35 -2.98 -14.83
CA VAL A 457 -4.19 -2.20 -14.41
C VAL A 457 -2.98 -2.55 -15.30
N SER A 458 -2.69 -3.84 -15.48
CA SER A 458 -1.59 -4.22 -16.41
C SER A 458 -1.68 -3.71 -17.88
N SER A 459 -2.88 -3.65 -18.48
CA SER A 459 -3.03 -3.23 -19.89
C SER A 459 -2.75 -1.76 -20.05
N GLU A 460 -3.24 -0.95 -19.12
CA GLU A 460 -2.91 0.46 -19.04
C GLU A 460 -1.50 0.65 -18.46
N GLY A 461 -0.86 1.74 -18.77
CA GLY A 461 0.32 2.06 -17.94
C GLY A 461 0.03 2.04 -16.43
N VAL A 462 1.10 1.90 -15.68
CA VAL A 462 1.29 2.62 -14.42
C VAL A 462 0.91 4.08 -14.60
N THR A 463 1.38 4.70 -15.67
CA THR A 463 1.19 6.12 -16.02
C THR A 463 -0.26 6.39 -16.42
N ALA A 464 -0.83 5.53 -17.25
CA ALA A 464 -2.23 5.65 -17.62
C ALA A 464 -3.20 5.52 -16.43
N HIS A 465 -2.83 4.72 -15.42
CA HIS A 465 -3.60 4.62 -14.18
C HIS A 465 -3.62 5.95 -13.42
N LEU A 466 -2.44 6.51 -13.16
CA LEU A 466 -2.33 7.82 -12.47
C LEU A 466 -3.01 8.99 -13.23
N LYS A 467 -2.81 9.03 -14.56
CA LYS A 467 -3.49 9.98 -15.41
C LYS A 467 -5.03 9.89 -15.26
N HIS A 468 -5.59 8.70 -15.39
CA HIS A 468 -7.01 8.48 -15.31
C HIS A 468 -7.52 8.90 -13.94
N TRP A 469 -6.67 8.74 -12.92
CA TRP A 469 -7.05 9.02 -11.55
C TRP A 469 -7.12 10.52 -11.33
N LEU A 470 -6.06 11.25 -11.72
CA LEU A 470 -5.99 12.75 -11.57
C LEU A 470 -7.04 13.43 -12.38
N GLU A 471 -7.21 12.95 -13.61
CA GLU A 471 -8.30 13.41 -14.48
C GLU A 471 -9.63 13.23 -13.80
N ARG A 472 -9.86 12.06 -13.19
CA ARG A 472 -11.12 11.84 -12.44
C ARG A 472 -11.28 12.73 -11.19
N GLU A 473 -10.23 12.93 -10.40
CA GLU A 473 -10.38 13.64 -9.10
C GLU A 473 -10.30 15.18 -9.23
N LEU A 474 -9.37 15.64 -10.05
CA LEU A 474 -9.30 17.05 -10.40
C LEU A 474 -10.00 17.15 -11.76
N GLY A 475 -9.68 18.08 -12.63
CA GLY A 475 -10.26 17.91 -13.98
C GLY A 475 -9.28 17.39 -15.00
N THR A 476 -9.72 17.25 -16.23
CA THR A 476 -8.80 17.03 -17.34
C THR A 476 -7.74 18.14 -17.49
N SER A 477 -8.16 19.40 -17.29
CA SER A 477 -7.27 20.53 -17.56
C SER A 477 -6.20 20.71 -16.46
N CYS A 478 -6.57 20.35 -15.23
CA CYS A 478 -5.67 20.38 -14.07
C CYS A 478 -4.69 19.23 -14.20
N ALA A 479 -5.21 18.06 -14.53
CA ALA A 479 -4.43 16.84 -14.67
C ALA A 479 -3.44 16.90 -15.84
N LYS A 480 -3.64 17.85 -16.73
CA LYS A 480 -2.75 18.04 -17.86
C LYS A 480 -1.46 18.67 -17.36
N THR A 481 -1.58 19.50 -16.35
CA THR A 481 -0.39 20.15 -15.83
C THR A 481 0.19 19.28 -14.69
N ILE A 482 -0.69 18.59 -13.97
CA ILE A 482 -0.35 17.95 -12.71
C ILE A 482 0.27 16.54 -12.82
N LEU A 483 -0.05 15.80 -13.87
CA LEU A 483 0.44 14.44 -14.08
C LEU A 483 1.95 14.36 -13.96
N SER A 484 2.67 15.25 -14.64
CA SER A 484 4.13 15.25 -14.61
C SER A 484 4.66 15.69 -13.25
N VAL A 485 3.93 16.57 -12.57
CA VAL A 485 4.25 16.94 -11.18
C VAL A 485 4.21 15.77 -10.19
N GLN A 487 4.34 12.61 -11.02
CA GLN A 487 5.43 11.75 -11.45
C GLN A 487 6.77 12.20 -10.85
N GLU A 488 7.02 13.50 -10.86
CA GLU A 488 8.29 13.98 -10.40
C GLU A 488 8.39 13.90 -8.91
N HIS A 489 7.25 14.09 -8.23
CA HIS A 489 7.05 13.91 -6.76
C HIS A 489 7.48 12.52 -6.34
N TYR A 490 6.93 11.50 -7.00
CA TYR A 490 7.24 10.13 -6.61
C TYR A 490 8.69 9.71 -6.91
N ARG A 491 9.27 10.33 -7.92
CA ARG A 491 10.59 9.98 -8.36
C ARG A 491 11.66 10.58 -7.42
N LEU A 492 11.43 11.82 -6.99
CA LEU A 492 12.34 12.46 -6.08
C LEU A 492 12.23 11.90 -4.64
N ALA A 493 11.02 11.47 -4.25
CA ALA A 493 10.77 10.79 -2.97
C ALA A 493 11.41 9.39 -2.95
N HIS A 494 11.46 8.71 -4.11
CA HIS A 494 12.11 7.40 -4.26
C HIS A 494 13.60 7.58 -3.99
N ILE A 495 14.15 8.68 -4.45
CA ILE A 495 15.55 9.00 -4.26
C ILE A 495 15.84 9.21 -2.77
N ARG A 496 14.93 9.89 -2.10
CA ARG A 496 15.02 10.09 -0.69
C ARG A 496 13.70 10.69 -0.28
N LYS A 497 12.98 9.95 0.54
CA LYS A 497 11.72 10.37 1.13
C LYS A 497 11.91 11.62 1.99
N PRO A 498 10.86 12.45 2.09
CA PRO A 498 10.92 13.60 3.02
C PRO A 498 11.45 13.26 4.41
N GLU A 499 10.91 12.21 5.02
CA GLU A 499 11.29 11.73 6.33
C GLU A 499 12.71 11.24 6.42
N PHE A 500 13.34 10.81 5.32
CA PHE A 500 14.79 10.43 5.28
C PHE A 500 15.80 11.58 5.03
N GLY A 502 16.97 14.00 6.74
CA GLY A 502 17.92 14.28 7.81
C GLY A 502 19.12 13.35 7.84
N ASN A 503 19.08 12.26 7.06
CA ASN A 503 20.11 11.22 7.12
C ASN A 503 20.30 10.73 8.57
N THR A 504 19.20 10.50 9.28
CA THR A 504 19.25 10.02 10.66
C THR A 504 18.76 8.56 10.66
N ARG A 505 18.89 7.87 11.78
CA ARG A 505 18.31 6.54 11.93
C ARG A 505 17.48 6.42 13.19
N GLU A 506 16.57 5.46 13.15
CA GLU A 506 15.73 5.08 14.28
C GLU A 506 16.07 3.65 14.67
N GLU A 507 15.77 3.31 15.94
CA GLU A 507 16.12 2.04 16.60
C GLU A 507 17.58 1.60 16.56
N GLU A 508 18.50 2.57 16.53
CA GLU A 508 19.93 2.26 16.45
C GLU A 508 20.67 2.14 17.78
N LYS A 509 20.05 2.51 18.91
CA LYS A 509 20.73 2.33 20.25
C LYS A 509 22.02 3.16 20.45
N ASN A 510 22.28 4.09 19.52
CA ASN A 510 23.36 5.07 19.59
C ASN A 510 22.72 6.44 19.28
N PRO A 511 22.99 7.46 20.14
CA PRO A 511 22.43 8.81 19.92
C PRO A 511 22.94 9.55 18.68
N VAL A 512 24.09 9.19 18.14
CA VAL A 512 24.64 9.94 17.01
C VAL A 512 23.76 9.84 15.72
N TYR A 513 23.03 8.74 15.59
CA TYR A 513 22.17 8.50 14.44
C TYR A 513 20.92 9.36 14.56
N ARG A 514 20.75 10.06 15.66
CA ARG A 514 19.58 10.91 15.83
C ARG A 514 19.92 12.38 15.54
N VAL A 515 21.22 12.63 15.30
CA VAL A 515 21.75 13.95 14.92
C VAL A 515 21.56 14.09 13.40
N VAL A 516 20.81 15.11 12.99
CA VAL A 516 20.72 15.54 11.60
C VAL A 516 22.12 15.88 11.00
N LYS A 517 22.37 15.40 9.78
CA LYS A 517 23.70 15.44 9.18
C LYS A 517 23.65 15.38 7.66
N ASP A 518 24.71 15.87 7.00
CA ASP A 518 24.84 15.88 5.53
C ASP A 518 24.40 14.57 4.86
N LEU A 519 23.66 14.72 3.78
CA LEU A 519 23.47 13.65 2.83
C LEU A 519 24.73 13.68 1.98
N PRO A 520 25.20 12.51 1.47
CA PRO A 520 26.47 12.56 0.70
C PRO A 520 26.28 13.06 -0.74
N TRP A 521 25.83 14.31 -0.87
CA TRP A 521 25.56 14.92 -2.18
C TRP A 521 26.35 16.22 -2.36
N SER A 522 26.72 16.55 -3.59
CA SER A 522 27.44 17.79 -3.88
C SER A 522 26.54 19.01 -3.83
N GLU A 523 27.13 20.18 -3.68
CA GLU A 523 26.43 21.46 -3.85
C GLU A 523 25.58 21.53 -5.12
N ARG A 524 26.16 21.11 -6.23
CA ARG A 524 25.50 21.06 -7.53
C ARG A 524 24.22 20.18 -7.47
N GLU A 525 24.35 18.92 -7.04
CA GLU A 525 23.20 18.00 -6.84
C GLU A 525 22.12 18.55 -5.91
N ILE A 526 22.54 19.27 -4.87
CA ILE A 526 21.60 19.87 -3.90
C ILE A 526 20.79 20.97 -4.58
N ASN A 527 21.50 21.89 -5.24
CA ASN A 527 20.86 22.97 -6.03
C ASN A 527 19.92 22.46 -7.09
N GLU A 528 20.39 21.46 -7.84
CA GLU A 528 19.59 20.79 -8.86
C GLU A 528 18.29 20.25 -8.23
N ARG A 529 18.39 19.59 -7.08
CA ARG A 529 17.22 19.02 -6.38
C ARG A 529 16.34 20.16 -5.85
N LEU A 530 16.95 21.14 -5.18
CA LEU A 530 16.20 22.33 -4.69
C LEU A 530 15.33 23.03 -5.73
N ASN A 531 15.84 23.09 -6.97
CA ASN A 531 15.14 23.72 -8.09
C ASN A 531 14.05 22.91 -8.73
N ALA A 532 14.30 21.58 -8.87
CA ALA A 532 13.28 20.67 -9.36
C ALA A 532 12.07 20.78 -8.43
N TYR A 533 12.29 20.83 -7.11
CA TYR A 533 11.21 21.02 -6.15
C TYR A 533 10.53 22.39 -6.25
N SER A 534 11.33 23.45 -6.37
CA SER A 534 10.80 24.79 -6.70
C SER A 534 9.79 24.80 -7.87
N GLU A 535 10.16 24.19 -8.99
CA GLU A 535 9.28 24.16 -10.17
C GLU A 535 7.97 23.42 -9.85
N LEU A 536 8.08 22.32 -9.11
CA LEU A 536 6.91 21.58 -8.63
C LEU A 536 5.94 22.42 -7.78
N SER A 537 6.49 23.10 -6.79
CA SER A 537 5.68 24.00 -5.99
C SER A 537 5.01 25.10 -6.82
N GLU A 538 5.75 25.67 -7.77
CA GLU A 538 5.27 26.72 -8.66
C GLU A 538 4.13 26.24 -9.56
N THR A 539 4.30 25.09 -10.23
CA THR A 539 3.23 24.45 -11.01
C THR A 539 1.94 24.22 -10.20
N VAL A 540 2.09 23.72 -8.99
CA VAL A 540 0.99 23.40 -8.10
C VAL A 540 0.22 24.64 -7.66
N GLU A 541 0.96 25.72 -7.43
CA GLU A 541 0.41 27.02 -7.06
C GLU A 541 -0.41 27.63 -8.20
N LYS A 542 0.18 27.61 -9.41
CA LYS A 542 -0.47 28.16 -10.59
C LYS A 542 -1.73 27.38 -10.98
N ALA A 543 -1.68 26.04 -10.94
CA ALA A 543 -2.79 25.21 -11.39
C ALA A 543 -4.01 25.21 -10.42
N ALA A 544 -3.82 25.73 -9.19
CA ALA A 544 -4.84 25.88 -8.14
C ALA A 544 -6.15 26.53 -8.57
N SER A 545 -6.07 27.67 -9.27
CA SER A 545 -7.27 28.38 -9.72
C SER A 545 -7.96 27.70 -10.94
N LYS A 546 -7.26 26.86 -11.69
CA LYS A 546 -7.89 26.00 -12.74
C LYS A 546 -8.63 24.69 -12.23
N VAL A 547 -8.93 24.67 -10.94
CA VAL A 547 -9.50 23.51 -10.24
C VAL A 547 -10.97 23.81 -10.03
N PRO A 548 -11.89 22.90 -10.46
CA PRO A 548 -13.36 23.14 -10.32
C PRO A 548 -13.79 23.45 -8.88
N ALA A 549 -14.90 24.18 -8.73
CA ALA A 549 -15.29 24.74 -7.40
C ALA A 549 -15.52 23.66 -6.31
N GLY A 550 -16.18 22.56 -6.69
CA GLY A 550 -16.39 21.45 -5.78
C GLY A 550 -15.16 20.59 -5.45
N ARG A 551 -13.99 20.93 -6.02
CA ARG A 551 -12.80 20.10 -5.87
C ARG A 551 -11.51 20.74 -5.30
N GLN A 552 -11.65 21.87 -4.58
CA GLN A 552 -10.52 22.67 -4.06
C GLN A 552 -9.90 22.03 -2.85
N SER A 553 -10.75 21.47 -1.99
CA SER A 553 -10.27 20.67 -0.88
C SER A 553 -9.53 19.39 -1.33
N ALA A 554 -10.06 18.66 -2.31
CA ALA A 554 -9.37 17.48 -2.82
C ALA A 554 -8.03 17.89 -3.40
N TYR A 555 -7.98 19.07 -3.96
CA TYR A 555 -6.71 19.51 -4.51
C TYR A 555 -5.70 19.76 -3.37
N PHE A 556 -6.13 20.35 -2.27
CA PHE A 556 -5.15 20.63 -1.24
C PHE A 556 -4.66 19.29 -0.65
N GLU A 557 -5.63 18.43 -0.38
CA GLU A 557 -5.42 17.09 0.15
C GLU A 557 -4.55 16.17 -0.70
N LEU A 558 -4.80 16.14 -2.01
CA LEU A 558 -4.20 15.14 -2.91
C LEU A 558 -3.00 15.64 -3.72
N VAL A 559 -2.92 16.93 -3.97
CA VAL A 559 -1.81 17.49 -4.75
C VAL A 559 -1.03 18.53 -3.94
N LYS A 560 -1.69 19.59 -3.48
CA LYS A 560 -0.98 20.76 -2.94
C LYS A 560 -0.28 20.43 -1.62
N TYR A 561 -0.96 19.83 -0.65
CA TYR A 561 -0.26 19.49 0.61
C TYR A 561 0.95 18.57 0.40
N PRO A 562 0.81 17.38 -0.31
CA PRO A 562 2.03 16.53 -0.39
C PRO A 562 3.17 17.11 -1.22
N VAL A 563 2.89 17.71 -2.36
CA VAL A 563 3.98 18.34 -3.15
C VAL A 563 4.65 19.49 -2.39
N GLN A 564 3.87 20.36 -1.77
CA GLN A 564 4.47 21.52 -1.12
C GLN A 564 5.05 21.16 0.23
N ALA A 565 4.45 20.17 0.89
CA ALA A 565 5.03 19.63 2.15
C ALA A 565 6.41 19.06 1.88
N ALA A 566 6.47 18.23 0.86
CA ALA A 566 7.72 17.63 0.42
C ALA A 566 8.79 18.66 0.03
N THR A 567 8.37 19.70 -0.71
CA THR A 567 9.28 20.77 -1.15
C THR A 567 9.92 21.46 0.06
N GLN A 568 9.08 21.77 1.04
CA GLN A 568 9.46 22.55 2.20
C GLN A 568 10.33 21.75 3.17
N ASN A 570 12.43 19.37 1.93
CA ASN A 570 13.72 19.40 1.26
C ASN A 570 14.42 20.73 1.46
N ARG A 571 13.68 21.82 1.33
CA ARG A 571 14.18 23.16 1.66
C ARG A 571 14.76 23.26 3.06
N LYS A 572 14.00 22.79 4.06
CA LYS A 572 14.40 22.92 5.46
C LYS A 572 15.73 22.24 5.71
N LEU A 573 15.83 21.02 5.20
CA LEU A 573 16.99 20.18 5.44
C LEU A 573 18.11 20.49 4.47
N LEU A 574 17.82 20.81 3.21
CA LEU A 574 18.91 21.14 2.29
C LEU A 574 19.54 22.52 2.52
N TYR A 575 18.72 23.56 2.81
CA TYR A 575 19.27 24.88 3.16
C TYR A 575 20.10 24.75 4.44
N ALA A 576 19.60 23.95 5.39
CA ALA A 576 20.32 23.63 6.62
C ALA A 576 21.71 23.06 6.33
N GLN A 577 21.79 22.17 5.32
CA GLN A 577 23.07 21.56 4.96
C GLN A 577 24.01 22.59 4.33
N LEU A 578 23.47 23.42 3.43
CA LEU A 578 24.23 24.54 2.83
C LEU A 578 24.65 25.54 3.89
N ALA A 579 23.79 25.79 4.89
CA ALA A 579 24.06 26.70 6.01
C ALA A 579 25.20 26.27 6.94
N ARG A 580 25.21 24.99 7.35
CA ARG A 580 26.34 24.38 8.09
C ARG A 580 27.68 24.64 7.42
N HIS A 581 27.71 24.63 6.09
CA HIS A 581 28.95 24.87 5.34
C HIS A 581 29.11 26.35 4.88
N ASP A 582 28.36 27.28 5.48
CA ASP A 582 28.57 28.72 5.31
C ASP A 582 28.31 29.12 3.85
N LYS A 583 27.28 28.50 3.26
CA LYS A 583 26.92 28.71 1.85
C LYS A 583 25.47 29.19 1.68
N GLU A 584 24.81 29.44 2.84
CA GLU A 584 23.41 29.82 2.94
C GLU A 584 23.07 30.32 4.31
N ASP A 585 21.98 31.09 4.39
CA ASP A 585 21.49 31.61 5.65
C ASP A 585 20.51 30.68 6.31
N TRP A 586 20.77 30.43 7.59
CA TRP A 586 19.96 29.57 8.44
C TRP A 586 18.48 29.91 8.53
N GLU A 587 18.17 31.18 8.31
CA GLU A 587 16.81 31.68 8.35
C GLU A 587 15.93 31.05 7.28
N LYS A 588 16.52 30.68 6.15
CA LYS A 588 15.77 30.01 5.09
C LYS A 588 15.26 28.63 5.54
N SER A 589 16.05 27.97 6.40
CA SER A 589 15.69 26.66 6.95
C SER A 589 14.50 26.77 7.88
N ASP A 590 14.57 27.76 8.76
CA ASP A 590 13.48 28.08 9.67
C ASP A 590 12.22 28.49 8.90
N ALA A 591 12.38 29.28 7.85
CA ALA A 591 11.21 29.72 7.08
C ALA A 591 10.47 28.52 6.45
N ALA A 592 11.26 27.61 5.88
CA ALA A 592 10.80 26.36 5.29
C ALA A 592 10.07 25.52 6.31
N TYR A 593 10.65 25.40 7.51
CA TYR A 593 9.98 24.80 8.66
C TYR A 593 8.62 25.50 8.86
N ASP A 594 8.60 26.84 8.93
CA ASP A 594 7.37 27.58 9.25
C ASP A 594 6.32 27.30 8.20
N SER A 595 6.79 27.14 6.97
CA SER A 595 5.87 26.89 5.87
C SER A 595 5.11 25.52 5.97
N ILE A 596 5.83 24.46 6.37
CA ILE A 596 5.26 23.12 6.66
C ILE A 596 4.15 23.25 7.71
N ALA A 597 4.44 24.01 8.78
CA ALA A 597 3.49 24.34 9.84
C ALA A 597 2.21 24.92 9.28
N ALA A 598 2.37 25.98 8.48
CA ALA A 598 1.27 26.69 7.82
C ALA A 598 0.44 25.75 6.93
N LEU A 599 1.13 24.97 6.08
CA LEU A 599 0.46 23.96 5.26
C LEU A 599 -0.33 22.95 6.13
N THR A 600 0.21 22.58 7.30
CA THR A 600 -0.44 21.61 8.17
C THR A 600 -1.65 22.22 8.90
N GLN A 601 -1.54 23.51 9.25
CA GLN A 601 -2.68 24.27 9.80
C GLN A 601 -3.83 24.33 8.80
N HIS A 602 -3.49 24.55 7.53
CA HIS A 602 -4.51 24.61 6.49
C HIS A 602 -5.22 23.26 6.35
N TYR A 603 -4.44 22.17 6.31
CA TYR A 603 -4.98 20.80 6.24
C TYR A 603 -6.05 20.59 7.30
N ASN A 604 -5.69 20.96 8.53
CA ASN A 604 -6.45 20.67 9.70
C ASN A 604 -7.64 21.62 9.87
N SER A 605 -7.79 22.57 8.94
CA SER A 605 -8.86 23.59 9.02
CA SER A 605 -8.86 23.57 9.04
C SER A 605 -9.76 23.61 7.79
N LEU A 606 -9.36 22.87 6.76
CA LEU A 606 -10.19 22.64 5.56
C LEU A 606 -11.56 22.07 5.96
N GLU A 607 -12.56 22.38 5.13
CA GLU A 607 -13.96 21.92 5.27
C GLU A 607 -14.52 22.02 6.70
N ASN A 608 -14.43 23.24 7.24
CA ASN A 608 -14.65 23.62 8.66
C ASN A 608 -13.50 23.30 9.56
N GLY A 609 -13.38 22.01 9.84
CA GLY A 609 -12.19 21.38 10.39
C GLY A 609 -12.59 19.91 10.29
N LYS A 610 -13.09 19.50 9.11
CA LYS A 610 -13.46 18.10 8.91
C LYS A 610 -12.32 17.12 9.25
N TRP A 611 -11.08 17.50 8.94
CA TRP A 611 -9.93 16.65 9.20
C TRP A 611 -9.04 17.25 10.22
N ASN A 612 -9.61 17.95 11.19
CA ASN A 612 -8.78 18.44 12.27
C ASN A 612 -8.12 17.28 13.06
N ARG A 613 -6.79 17.41 13.31
CA ARG A 613 -5.95 16.36 13.95
C ARG A 613 -5.45 15.19 13.07
N ASP A 616 -0.26 15.48 11.25
CA ASP A 616 0.71 15.87 12.24
C ASP A 616 2.05 15.86 11.53
N PHE A 617 2.68 17.02 11.41
CA PHE A 617 3.92 17.09 10.67
C PHE A 617 5.16 16.62 11.48
N LYS A 618 4.93 16.26 12.76
CA LYS A 618 5.97 15.71 13.67
C LYS A 618 5.61 14.33 14.23
N PRO A 619 5.12 13.38 13.38
CA PRO A 619 4.70 12.07 13.91
C PRO A 619 5.82 11.39 14.67
N ARG A 620 5.49 10.90 15.86
CA ARG A 620 6.42 10.29 16.80
C ARG A 620 7.56 11.23 17.28
N LYS A 621 7.46 12.53 17.00
CA LYS A 621 8.44 13.54 17.47
C LYS A 621 9.89 13.19 17.13
N LEU A 622 10.08 12.64 15.94
CA LEU A 622 11.42 12.27 15.48
C LEU A 622 12.21 13.53 15.23
N PRO A 623 13.53 13.49 15.53
CA PRO A 623 14.37 14.69 15.42
C PRO A 623 14.27 15.37 14.04
N VAL A 624 14.29 14.54 12.97
CA VAL A 624 14.15 15.04 11.61
C VAL A 624 13.01 16.07 11.41
N PHE A 625 11.91 16.00 12.20
CA PHE A 625 10.77 16.90 12.00
C PHE A 625 10.87 18.25 12.73
N ASN A 626 11.92 18.42 13.52
CA ASN A 626 12.12 19.65 14.29
C ASN A 626 12.71 20.79 13.44
N ARG A 627 12.74 22.02 13.96
CA ARG A 627 13.66 23.01 13.34
C ARG A 627 15.02 22.43 13.51
N VAL A 628 15.91 22.74 12.58
CA VAL A 628 17.24 22.18 12.59
C VAL A 628 18.17 22.91 13.57
N GLU A 629 18.85 22.13 14.41
CA GLU A 629 19.96 22.60 15.26
C GLU A 629 21.07 23.29 14.43
N ARG A 630 21.29 24.56 14.70
CA ARG A 630 22.35 25.35 14.08
C ARG A 630 23.75 25.01 14.65
N LYS A 631 24.68 24.69 13.75
CA LYS A 631 26.03 24.28 14.10
C LYS A 631 26.84 24.35 12.83
N ALA A 632 28.14 24.58 12.95
CA ALA A 632 29.01 24.70 11.78
C ALA A 632 29.62 23.35 11.47
N ALA A 633 29.65 23.02 10.19
CA ALA A 633 30.21 21.79 9.69
C ALA A 633 31.69 21.73 10.05
N THR A 634 32.19 20.52 10.29
CA THR A 634 33.64 20.29 10.44
C THR A 634 34.20 19.93 9.06
N ALA A 635 33.72 18.81 8.51
CA ALA A 635 34.15 18.34 7.19
C ALA A 635 33.75 19.30 6.05
N PRO A 636 34.38 19.18 4.85
CA PRO A 636 33.84 19.87 3.67
C PRO A 636 32.65 19.14 3.03
N THR A 638 30.65 17.09 0.00
CA THR A 638 30.94 16.10 -1.04
C THR A 638 31.26 16.89 -2.30
N ALA A 639 32.35 16.50 -2.94
CA ALA A 639 32.78 17.05 -4.21
C ALA A 639 32.00 16.36 -5.31
N ASP A 640 31.71 17.13 -6.36
CA ASP A 640 31.08 16.64 -7.57
C ASP A 640 32.10 15.73 -8.24
N ARG A 641 31.66 14.59 -8.74
CA ARG A 641 32.62 13.68 -9.26
C ARG A 641 32.27 13.31 -10.69
N LYS A 642 33.16 13.67 -11.62
CA LYS A 642 32.96 13.44 -13.05
C LYS A 642 33.10 11.97 -13.44
N ALA A 643 31.96 11.42 -13.86
CA ALA A 643 31.85 10.11 -14.52
C ALA A 643 32.27 10.22 -15.98
N VAL A 644 32.95 9.21 -16.54
CA VAL A 644 33.20 9.22 -18.00
C VAL A 644 31.97 8.78 -18.80
N CYS A 645 31.29 7.72 -18.34
CA CYS A 645 30.02 7.33 -18.92
C CYS A 645 28.93 7.23 -17.88
N GLN A 646 27.68 7.39 -18.32
CA GLN A 646 26.50 7.30 -17.49
C GLN A 646 25.32 6.81 -18.34
N TRP A 647 24.78 5.66 -17.97
CA TRP A 647 23.77 4.93 -18.75
C TRP A 647 22.55 4.56 -17.95
N ASN A 648 21.43 4.42 -18.67
CA ASN A 648 20.21 3.73 -18.27
C ASN A 648 20.17 2.41 -19.04
N ALA A 649 19.26 1.51 -18.70
CA ALA A 649 19.30 0.17 -19.29
C ALA A 649 19.13 0.07 -20.82
N ALA A 650 18.58 1.13 -21.43
CA ALA A 650 18.24 1.14 -22.86
C ALA A 650 19.27 1.86 -23.74
N GLU A 651 20.20 2.58 -23.11
CA GLU A 651 21.38 3.12 -23.80
C GLU A 651 22.30 1.99 -24.27
N ALA A 652 22.04 0.78 -23.79
CA ALA A 652 22.75 -0.42 -24.22
C ALA A 652 22.64 -0.62 -25.73
N LYS A 653 23.69 -1.16 -26.33
CA LYS A 653 23.63 -1.65 -27.72
C LYS A 653 22.94 -3.01 -27.65
N LYS A 654 23.71 -4.10 -27.80
CA LYS A 654 23.20 -5.48 -27.60
C LYS A 654 22.50 -5.70 -26.24
N GLY A 655 21.45 -6.50 -26.26
CA GLY A 655 20.72 -6.88 -25.07
C GLY A 655 19.30 -6.35 -25.02
N ASN A 656 18.42 -7.18 -24.45
CA ASN A 656 17.02 -6.83 -24.20
C ASN A 656 16.65 -6.77 -22.70
N ALA A 657 16.16 -5.60 -22.31
CA ALA A 657 15.70 -5.38 -20.94
C ALA A 657 14.43 -4.51 -20.93
N ILE A 658 13.32 -5.09 -20.50
CA ILE A 658 12.06 -4.37 -20.48
C ILE A 658 12.00 -3.40 -19.29
N VAL A 659 11.74 -2.14 -19.61
CA VAL A 659 11.59 -1.07 -18.63
C VAL A 659 10.44 -1.44 -17.69
N CYS A 660 10.67 -1.28 -16.38
CA CYS A 660 9.60 -1.24 -15.40
C CYS A 660 9.08 0.21 -15.36
N GLU A 661 7.85 0.39 -15.85
CA GLU A 661 7.38 1.69 -16.40
C GLU A 661 7.92 3.00 -15.83
N GLY A 662 7.58 3.40 -14.62
CA GLY A 662 8.20 4.68 -14.18
C GLY A 662 9.25 4.50 -13.08
N LEU A 663 9.87 3.33 -13.04
CA LEU A 663 10.66 2.91 -11.89
C LEU A 663 12.10 3.43 -11.93
N GLY A 664 12.70 3.70 -10.75
CA GLY A 664 14.13 4.08 -10.61
C GLY A 664 14.45 5.57 -10.63
N TYR A 665 15.72 5.93 -10.39
CA TYR A 665 16.15 7.33 -10.23
C TYR A 665 15.81 8.29 -11.41
N GLU A 666 15.83 7.75 -12.63
CA GLU A 666 15.40 8.53 -13.78
C GLU A 666 14.35 7.76 -14.60
N SER A 667 13.46 7.06 -13.90
CA SER A 667 12.25 6.43 -14.48
C SER A 667 12.54 5.44 -15.56
N LYS A 668 13.78 4.96 -15.62
CA LYS A 668 14.21 4.01 -16.67
C LYS A 668 14.81 2.69 -16.20
N ALA A 669 14.57 2.28 -14.95
CA ALA A 669 14.97 0.93 -14.53
C ALA A 669 14.33 -0.15 -15.42
N ALA A 670 15.06 -1.26 -15.63
CA ALA A 670 14.61 -2.35 -16.55
C ALA A 670 15.05 -3.73 -16.10
N GLU A 671 14.21 -4.75 -16.33
CA GLU A 671 14.48 -6.11 -15.86
C GLU A 671 15.33 -6.86 -16.85
N ILE A 672 16.48 -7.35 -16.41
CA ILE A 672 17.28 -8.24 -17.26
C ILE A 672 16.91 -9.63 -16.81
N LYS A 673 16.29 -10.38 -17.71
CA LYS A 673 15.84 -11.73 -17.37
C LYS A 673 17.07 -12.58 -17.16
N LYS A 674 16.89 -13.65 -16.38
CA LYS A 674 17.93 -14.65 -16.10
C LYS A 674 18.57 -15.09 -17.41
N GLY A 675 19.90 -15.16 -17.41
CA GLY A 675 20.66 -15.57 -18.60
C GLY A 675 20.82 -14.53 -19.70
N ASP A 676 20.05 -13.43 -19.66
CA ASP A 676 20.24 -12.31 -20.61
C ASP A 676 21.31 -11.36 -20.16
N ALA A 677 21.79 -10.55 -21.10
CA ALA A 677 22.84 -9.57 -20.87
C ALA A 677 22.55 -8.30 -21.59
N LEU A 678 22.96 -7.20 -20.95
CA LEU A 678 23.15 -5.91 -21.57
C LEU A 678 24.64 -5.61 -21.84
N THR A 679 24.87 -4.84 -22.90
CA THR A 679 26.21 -4.61 -23.44
C THR A 679 26.33 -3.09 -23.62
N PHE A 680 27.26 -2.46 -22.90
CA PHE A 680 27.47 -1.00 -22.97
C PHE A 680 28.83 -0.71 -23.58
N SER A 681 28.91 0.36 -24.38
CA SER A 681 30.15 0.66 -25.07
C SER A 681 30.61 2.11 -24.88
N PHE A 682 31.93 2.26 -24.91
CA PHE A 682 32.54 3.53 -24.64
C PHE A 682 33.94 3.57 -25.23
N GLY A 683 34.43 4.81 -25.37
CA GLY A 683 35.61 5.08 -26.15
C GLY A 683 36.91 5.08 -25.37
N ASN A 684 37.77 5.97 -25.83
CA ASN A 684 39.12 6.12 -25.34
C ASN A 684 39.15 6.81 -23.99
N LEU A 685 39.63 6.08 -22.98
CA LEU A 685 39.91 6.63 -21.64
C LEU A 685 41.40 6.98 -21.44
N LYS A 686 41.69 7.80 -20.42
CA LYS A 686 43.04 7.95 -19.88
C LYS A 686 43.22 6.83 -18.83
N THR A 687 44.22 6.94 -17.96
CA THR A 687 44.34 6.10 -16.73
C THR A 687 44.33 4.56 -16.87
N ASP A 688 44.99 3.94 -15.89
CA ASP A 688 45.22 2.48 -15.79
C ASP A 688 43.92 1.63 -15.74
N SER A 689 42.93 2.14 -15.01
CA SER A 689 41.79 1.33 -14.57
C SER A 689 40.49 2.10 -14.72
N VAL A 690 39.38 1.38 -14.51
CA VAL A 690 38.00 1.93 -14.54
C VAL A 690 37.20 1.50 -13.32
N GLU A 691 36.47 2.45 -12.70
CA GLU A 691 35.57 2.12 -11.58
C GLU A 691 34.14 1.96 -12.09
N VAL A 692 33.64 0.74 -12.09
CA VAL A 692 32.27 0.52 -12.56
C VAL A 692 31.29 0.56 -11.39
N ASP A 693 30.31 1.46 -11.48
CA ASP A 693 29.36 1.80 -10.41
C ASP A 693 27.97 1.39 -10.92
N ILE A 694 27.44 0.32 -10.37
CA ILE A 694 26.22 -0.30 -10.86
C ILE A 694 25.13 -0.13 -9.80
N ARG A 695 23.99 0.39 -10.22
CA ARG A 695 22.90 0.71 -9.32
C ARG A 695 21.72 -0.15 -9.74
N LEU A 696 21.13 -0.85 -8.77
CA LEU A 696 20.06 -1.79 -9.02
C LEU A 696 18.93 -1.55 -8.03
N LEU A 697 17.75 -2.06 -8.37
CA LEU A 697 16.63 -2.02 -7.45
C LEU A 697 17.03 -2.91 -6.29
N PRO A 698 16.96 -2.40 -5.03
CA PRO A 698 17.32 -3.24 -3.89
C PRO A 698 16.20 -4.27 -3.54
N ASN A 699 15.65 -4.95 -4.55
CA ASN A 699 14.63 -5.95 -4.22
C ASN A 699 15.29 -7.26 -3.69
N HIS A 700 14.45 -8.23 -3.33
CA HIS A 700 14.90 -9.47 -2.69
C HIS A 700 14.74 -10.65 -3.68
N PRO A 701 15.56 -11.73 -3.51
CA PRO A 701 15.52 -12.89 -4.47
C PRO A 701 14.12 -13.43 -4.75
N VAL A 702 13.84 -13.78 -6.00
CA VAL A 702 12.50 -14.29 -6.35
C VAL A 702 12.41 -15.79 -6.14
N HIS A 703 13.52 -16.48 -6.42
CA HIS A 703 13.66 -17.90 -6.11
C HIS A 703 15.09 -18.19 -5.72
N GLY A 704 15.20 -18.89 -4.61
CA GLY A 704 16.47 -19.13 -4.02
C GLY A 704 16.72 -17.96 -3.12
N ASP A 705 17.99 -17.74 -2.87
CA ASP A 705 18.49 -16.82 -1.86
C ASP A 705 19.54 -15.94 -2.54
N LYS A 706 19.54 -15.89 -3.87
CA LYS A 706 20.73 -15.35 -4.50
C LYS A 706 20.86 -13.95 -5.09
N LEU A 707 20.06 -13.54 -6.07
CA LEU A 707 20.36 -12.23 -6.83
C LEU A 707 21.80 -11.85 -7.18
N ARG A 708 22.29 -12.31 -8.33
CA ARG A 708 23.60 -11.87 -8.80
C ARG A 708 23.75 -11.59 -10.31
N PHE A 709 24.84 -10.92 -10.66
CA PHE A 709 25.15 -10.58 -12.04
C PHE A 709 26.63 -10.82 -12.34
N THR A 710 27.02 -10.73 -13.61
CA THR A 710 28.43 -10.81 -13.96
C THR A 710 28.75 -9.56 -14.73
N VAL A 711 29.92 -9.00 -14.45
CA VAL A 711 30.51 -7.89 -15.22
C VAL A 711 31.70 -8.38 -16.04
N SER A 712 31.75 -7.98 -17.31
CA SER A 712 32.90 -8.33 -18.16
C SER A 712 33.29 -7.20 -19.08
N LEU A 713 34.49 -6.68 -18.84
CA LEU A 713 35.13 -5.69 -19.71
C LEU A 713 35.95 -6.39 -20.80
N ASP A 714 35.47 -6.24 -22.04
CA ASP A 714 36.17 -6.72 -23.25
C ASP A 714 36.40 -8.22 -23.23
N GLY A 715 35.33 -8.97 -23.02
CA GLY A 715 35.37 -10.44 -23.06
C GLY A 715 36.04 -11.15 -21.89
N ALA A 716 36.57 -10.38 -20.93
CA ALA A 716 37.61 -10.82 -19.99
C ALA A 716 37.27 -11.80 -18.85
N GLU A 717 36.32 -12.70 -19.07
CA GLU A 717 35.89 -13.70 -18.07
C GLU A 717 35.10 -13.03 -16.95
N PRO A 718 33.78 -13.26 -16.95
CA PRO A 718 32.83 -12.56 -16.09
C PRO A 718 33.27 -12.57 -14.63
N GLU A 719 33.28 -11.40 -14.00
CA GLU A 719 33.36 -11.31 -12.53
C GLU A 719 31.94 -11.42 -11.95
N VAL A 720 31.76 -12.31 -10.96
CA VAL A 720 30.46 -12.67 -10.38
C VAL A 720 30.15 -11.85 -9.11
N ILE A 721 29.03 -11.10 -9.14
CA ILE A 721 28.71 -10.12 -8.10
C ILE A 721 27.27 -10.26 -7.59
N ALA A 722 27.14 -10.53 -6.28
CA ALA A 722 25.90 -10.73 -5.56
C ALA A 722 25.46 -9.44 -4.84
N TYR A 723 24.15 -9.22 -4.71
CA TYR A 723 23.66 -7.98 -4.06
C TYR A 723 22.39 -8.18 -3.27
N GLU A 724 21.96 -9.43 -3.10
CA GLU A 724 20.88 -9.74 -2.16
C GLU A 724 21.44 -9.37 -0.78
N THR A 725 20.55 -9.00 0.15
CA THR A 725 20.90 -8.80 1.54
C THR A 725 20.13 -9.84 2.37
N LYS A 726 20.54 -9.97 3.64
CA LYS A 726 19.97 -10.91 4.59
C LYS A 726 19.55 -10.15 5.83
N GLY A 727 18.35 -10.44 6.33
CA GLY A 727 17.82 -9.74 7.47
C GLY A 727 17.88 -8.22 7.34
N ARG A 728 17.98 -7.56 8.49
CA ARG A 728 18.04 -6.12 8.54
C ARG A 728 19.47 -5.65 8.89
N SER A 729 20.38 -5.91 7.97
CA SER A 729 21.80 -5.57 8.08
C SER A 729 22.07 -4.12 7.75
N GLU A 730 23.31 -3.71 7.95
CA GLU A 730 23.76 -2.35 7.61
C GLU A 730 23.50 -2.02 6.11
N GLU A 731 23.86 -2.93 5.20
CA GLU A 731 23.62 -2.76 3.77
C GLU A 731 22.14 -2.67 3.38
N TRP A 732 21.32 -3.52 3.98
CA TRP A 732 19.90 -3.46 3.76
C TRP A 732 19.34 -2.10 4.23
N LYS A 733 19.93 -1.51 5.26
CA LYS A 733 19.42 -0.27 5.83
C LYS A 733 19.71 0.84 4.83
N GLU A 734 20.94 0.86 4.35
CA GLU A 734 21.40 1.72 3.29
C GLU A 734 20.51 1.54 2.08
N ASN A 735 20.28 0.29 1.68
CA ASN A 735 19.53 -0.04 0.47
C ASN A 735 18.16 0.65 0.51
N VAL A 736 17.35 0.43 1.54
CA VAL A 736 15.95 0.87 1.52
C VAL A 736 15.76 2.38 1.71
N LEU A 737 16.72 3.06 2.34
CA LEU A 737 16.66 4.51 2.48
C LEU A 737 16.83 5.24 1.12
N ARG A 738 17.68 4.70 0.25
CA ARG A 738 18.03 5.33 -1.02
C ARG A 738 17.37 4.63 -2.22
N ASN A 739 16.66 3.54 -1.94
CA ASN A 739 16.10 2.64 -2.94
C ASN A 739 17.09 2.27 -4.07
N GLN A 740 18.35 2.06 -3.70
CA GLN A 740 19.26 1.39 -4.63
C GLN A 740 20.21 0.50 -3.87
N ALA A 741 20.38 -0.73 -4.37
CA ALA A 741 21.60 -1.52 -4.10
C ALA A 741 22.69 -0.94 -4.98
N ILE A 742 23.92 -0.99 -4.47
CA ILE A 742 25.05 -0.31 -5.06
C ILE A 742 26.22 -1.28 -5.08
N ARG A 743 26.78 -1.53 -6.28
CA ARG A 743 27.98 -2.36 -6.44
C ARG A 743 29.02 -1.62 -7.27
N LYS A 744 30.14 -1.33 -6.62
CA LYS A 744 31.32 -0.79 -7.28
C LYS A 744 32.31 -1.90 -7.60
N ILE A 745 32.91 -1.80 -8.78
CA ILE A 745 34.00 -2.69 -9.16
C ILE A 745 35.10 -1.92 -9.89
N VAL A 746 36.33 -2.29 -9.58
CA VAL A 746 37.50 -1.78 -10.29
C VAL A 746 38.01 -2.87 -11.25
N LEU A 747 38.18 -2.47 -12.51
CA LEU A 747 38.69 -3.36 -13.55
C LEU A 747 39.87 -2.75 -14.30
N PRO A 748 40.82 -3.60 -14.75
CA PRO A 748 41.89 -3.08 -15.60
C PRO A 748 41.41 -2.91 -17.04
N VAL A 749 41.68 -1.76 -17.67
CA VAL A 749 41.58 -1.64 -19.13
C VAL A 749 42.76 -2.36 -19.80
N THR A 750 42.67 -2.65 -21.08
CA THR A 750 43.88 -2.94 -21.85
C THR A 750 44.47 -1.64 -22.40
N GLY A 751 43.60 -0.70 -22.79
CA GLY A 751 44.03 0.55 -23.41
C GLY A 751 43.66 0.60 -24.89
N LYS A 752 42.63 -0.17 -25.23
CA LYS A 752 42.19 -0.48 -26.60
C LYS A 752 41.78 0.67 -27.54
N LYS A 753 41.05 1.67 -27.02
CA LYS A 753 40.34 2.74 -27.81
C LYS A 753 38.80 2.54 -27.98
N SER A 754 38.38 1.26 -28.02
CA SER A 754 36.96 0.87 -28.05
C SER A 754 36.78 -0.24 -27.06
N HIS A 755 35.88 -0.05 -26.08
CA HIS A 755 35.55 -1.10 -25.08
C HIS A 755 34.07 -1.39 -24.99
N GLN A 756 33.79 -2.62 -24.57
CA GLN A 756 32.44 -3.04 -24.22
C GLN A 756 32.35 -3.64 -22.81
N LEU A 757 31.31 -3.25 -22.05
CA LEU A 757 31.04 -3.77 -20.72
C LEU A 757 29.77 -4.60 -20.77
N VAL A 758 29.88 -5.88 -20.46
CA VAL A 758 28.72 -6.77 -20.48
C VAL A 758 28.25 -7.12 -19.05
N ILE A 759 27.02 -6.70 -18.75
CA ILE A 759 26.26 -7.06 -17.51
C ILE A 759 25.25 -8.18 -17.79
N LYS A 760 25.50 -9.36 -17.23
CA LYS A 760 24.62 -10.51 -17.42
C LYS A 760 23.87 -10.90 -16.14
N ALA A 761 22.57 -11.17 -16.24
CA ALA A 761 21.79 -11.61 -15.09
C ALA A 761 21.91 -13.12 -14.89
N LEU A 762 22.27 -13.53 -13.67
CA LEU A 762 22.30 -14.95 -13.28
C LEU A 762 21.05 -15.45 -12.56
N ASP A 763 20.30 -14.54 -11.93
CA ASP A 763 19.09 -14.91 -11.19
C ASP A 763 17.89 -14.16 -11.74
N GLU A 764 16.71 -14.56 -11.23
CA GLU A 764 15.43 -14.10 -11.73
C GLU A 764 15.23 -12.55 -11.71
N GLY A 765 14.87 -11.98 -10.56
CA GLY A 765 14.36 -10.59 -10.54
C GLY A 765 15.40 -9.49 -10.40
N VAL A 766 16.26 -9.38 -11.42
CA VAL A 766 17.43 -8.48 -11.42
C VAL A 766 17.02 -7.23 -12.17
N ILE A 767 17.05 -6.08 -11.49
CA ILE A 767 16.54 -4.90 -12.16
C ILE A 767 17.59 -3.82 -12.09
N LEU A 768 18.10 -3.48 -13.26
CA LEU A 768 19.13 -2.46 -13.42
C LEU A 768 18.51 -1.07 -13.42
N ASP A 769 19.16 -0.14 -12.72
CA ASP A 769 18.74 1.26 -12.64
C ASP A 769 19.75 2.15 -13.32
N GLN A 770 20.98 2.20 -12.81
CA GLN A 770 22.02 3.07 -13.40
C GLN A 770 23.35 2.35 -13.52
N VAL A 771 24.20 2.88 -14.39
CA VAL A 771 25.60 2.49 -14.49
C VAL A 771 26.41 3.79 -14.67
N LEU A 773 30.76 5.35 -14.82
CA LEU A 773 32.11 4.87 -15.18
C LEU A 773 33.36 5.34 -14.40
N TYR A 774 33.63 6.64 -14.27
CA TYR A 774 34.83 7.12 -13.47
C TYR A 774 36.24 6.54 -13.80
N GLU A 775 37.14 7.41 -14.23
CA GLU A 775 38.54 7.03 -14.56
C GLU A 775 39.33 6.30 -13.45
N VAL A 776 39.98 7.03 -12.53
CA VAL A 776 40.69 6.46 -11.35
C VAL A 776 41.93 5.54 -11.61
N ASN A 777 42.86 5.52 -10.65
CA ASN A 777 44.15 4.82 -10.79
C ASN A 777 44.46 3.64 -9.84
#